data_5DTO
#
_entry.id   5DTO
#
_cell.length_a   94.660
_cell.length_b   151.394
_cell.length_c   69.432
_cell.angle_alpha   90.00
_cell.angle_beta   90.00
_cell.angle_gamma   90.00
#
_symmetry.space_group_name_H-M   'P 21 21 2'
#
loop_
_entity.id
_entity.type
_entity.pdbx_description
1 polymer NS5
2 polymer "RNA (5'-R(P*AP*GP*UP*U)-3')"
3 non-polymer 'ZINC ION'
4 non-polymer S-ADENOSYL-L-HOMOCYSTEINE
5 non-polymer 'MAGNESIUM ION'
6 non-polymer 'ACETATE ION'
7 non-polymer "7N-METHYL-8-HYDROGUANOSINE-5'-DIPHOSPHATE"
8 water water
#
loop_
_entity_poly.entity_id
_entity_poly.type
_entity_poly.pdbx_seq_one_letter_code
_entity_poly.pdbx_strand_id
1 'polypeptide(L)'
;SMGETLGEKWKKKLNQLSRKEFDLYKKSGITEVDRTEAKEGLKRGETTHHAVSRGSAKLQWFVERNMVIPEGRVIDLGCG
RGGWSYYCAGLKKVTEVRGYTKGGPGHEEPVPMSTYGWNIVKLMSGKDVFYLPPEKCDTLLCDIGESSPSPTVEESRTIR
VLKMVEPWLKNNQFCIKVLNPYMPTVIEHLERLQRKHGGMLVRNPLSRNSTHEMYWISNGTGNIVSSVNMVSRLLLNRFT
MTHRRPTIEKDVDLGAGTRHVNAEPETPNMDVIGERIKRIKEEHNSTWHYDDENPYKTWAYHGSYEVKATGSASSMINGV
VKLLTKPWDVVPMVTQMAMTDTTPFGQQRVFKEKVDTRTPRPLPGTRKVMEITAEWLWRTLGRNKRPRLCTREEFTKKVR
TNAAMGAVFTEENQWDSAKAAVEDEEFWKLVDRERELHKLGKCGSCVYNMMGKREKKLGEFGKAKGSRAIWYMWLGVRYL
EFEALGFLNEDHWFSRENSYSGVEGEGLHKLGYILRDISKIPGGAMYADDTAGWDTRITEDDLHNEEKIIQQMDPEHRQL
ANAIFKLTYQNKVVKVQRPTPTGTVMDIISRKDQRGSGQVGTYGLNTFTNMEAQLVRQMEGEGVLTKADLENPHLLEKKI
TQWLETKGVERLKRMAISGDDCVVKPIDDRFANALLALNDMGKVRKDIPQWQPSKGWHDWQQVPFCSHHFHELIMKDGRK
LVVPCRPQDELIGRARISQGAGWSIRETACLGKAYAQMWSLMYFHRRDLRLASNAICSAVPVHWVPTSRTTWSIHAHHQW
MTTEDMLTVWNRVWIEENPWMEDKTPVTTWENVPYLGKREDQWCGSLIGLTSRATWAQNIPTAIQQVRSLIGNEEFLDYM
PSMKRFRKEEES
;
A
2 'polyribonucleotide' AGUU B
#
# COMPACT_ATOMS: atom_id res chain seq x y z
N GLY A 3 -9.86 51.76 -1.61
CA GLY A 3 -10.04 51.67 -0.16
C GLY A 3 -9.59 50.33 0.41
N GLU A 4 -10.26 49.90 1.47
CA GLU A 4 -9.92 48.67 2.18
C GLU A 4 -10.02 47.44 1.28
N THR A 5 -9.11 46.49 1.45
CA THR A 5 -9.08 45.29 0.62
C THR A 5 -9.81 44.14 1.30
N LEU A 6 -10.17 43.13 0.50
CA LEU A 6 -10.91 41.98 1.01
C LEU A 6 -10.09 41.16 2.01
N GLY A 7 -8.77 41.23 1.88
CA GLY A 7 -7.89 40.56 2.82
C GLY A 7 -7.90 41.24 4.17
N GLU A 8 -8.01 42.56 4.15
CA GLU A 8 -8.03 43.35 5.38
C GLU A 8 -9.36 43.20 6.11
N LYS A 9 -10.46 43.15 5.35
CA LYS A 9 -11.76 42.87 5.94
C LYS A 9 -11.73 41.52 6.63
N TRP A 10 -11.13 40.55 5.94
CA TRP A 10 -10.96 39.21 6.48
C TRP A 10 -10.19 39.23 7.79
N LYS A 11 -9.09 39.98 7.82
CA LYS A 11 -8.25 40.07 9.01
C LYS A 11 -9.01 40.62 10.21
N LYS A 12 -9.71 41.73 10.01
CA LYS A 12 -10.43 42.39 11.09
C LYS A 12 -11.49 41.47 11.68
N LYS A 13 -12.11 40.67 10.82
CA LYS A 13 -13.16 39.77 11.28
C LYS A 13 -12.56 38.51 11.89
N LEU A 14 -11.35 38.17 11.47
CA LEU A 14 -10.64 37.03 12.05
C LEU A 14 -10.28 37.32 13.50
N ASN A 15 -9.99 38.59 13.80
CA ASN A 15 -9.57 38.98 15.13
C ASN A 15 -10.74 39.32 16.05
N GLN A 16 -11.96 39.13 15.55
CA GLN A 16 -13.16 39.42 16.34
C GLN A 16 -13.89 38.16 16.75
N LEU A 17 -13.39 37.01 16.32
CA LEU A 17 -14.00 35.73 16.67
C LEU A 17 -13.74 35.41 18.14
N SER A 18 -14.68 34.72 18.77
CA SER A 18 -14.42 34.17 20.10
C SER A 18 -13.37 33.09 19.95
N ARG A 19 -12.80 32.63 21.06
CA ARG A 19 -11.72 31.65 21.00
C ARG A 19 -12.24 30.30 20.50
N LYS A 20 -13.54 30.08 20.62
CA LYS A 20 -14.13 28.81 20.21
C LYS A 20 -14.78 28.90 18.84
N GLU A 21 -15.06 30.12 18.41
CA GLU A 21 -15.60 30.36 17.08
C GLU A 21 -14.43 30.45 16.09
N PHE A 22 -13.29 30.90 16.60
CA PHE A 22 -12.04 30.91 15.85
C PHE A 22 -11.48 29.51 15.72
N ASP A 23 -11.61 28.73 16.80
CA ASP A 23 -11.13 27.36 16.82
C ASP A 23 -11.77 26.51 15.72
N LEU A 24 -13.06 26.69 15.51
CA LEU A 24 -13.76 25.96 14.45
C LEU A 24 -13.45 26.51 13.07
N TYR A 25 -13.32 27.83 12.98
CA TYR A 25 -13.04 28.46 11.70
C TYR A 25 -11.66 28.07 11.17
N LYS A 26 -10.71 27.92 12.10
CA LYS A 26 -9.31 27.70 11.77
C LYS A 26 -9.11 26.53 10.81
N LYS A 27 -9.97 25.51 10.92
CA LYS A 27 -9.81 24.31 10.13
C LYS A 27 -11.04 23.92 9.32
N SER A 28 -12.01 24.83 9.24
CA SER A 28 -13.24 24.54 8.50
C SER A 28 -12.96 24.36 7.01
N GLY A 29 -13.06 23.11 6.55
CA GLY A 29 -12.95 22.80 5.14
C GLY A 29 -11.54 22.72 4.60
N ILE A 30 -10.54 22.77 5.49
CA ILE A 30 -9.16 22.69 5.04
C ILE A 30 -8.70 21.24 4.93
N THR A 31 -7.53 21.05 4.34
CA THR A 31 -6.93 19.73 4.24
C THR A 31 -5.84 19.57 5.29
N GLU A 32 -5.98 18.55 6.14
CA GLU A 32 -4.98 18.29 7.16
C GLU A 32 -4.25 16.97 6.94
N VAL A 33 -3.12 16.83 7.62
CA VAL A 33 -2.33 15.62 7.52
C VAL A 33 -2.31 14.92 8.88
N ASP A 34 -2.42 13.59 8.85
CA ASP A 34 -2.42 12.82 10.09
C ASP A 34 -1.00 12.66 10.59
N ARG A 35 -0.68 13.35 11.68
CA ARG A 35 0.68 13.39 12.21
C ARG A 35 0.87 12.52 13.45
N THR A 36 -0.17 11.77 13.81
CA THR A 36 -0.16 10.97 15.05
C THR A 36 0.96 9.92 15.07
N GLU A 37 1.05 9.13 14.01
CA GLU A 37 2.08 8.11 13.90
C GLU A 37 3.47 8.73 13.83
N ALA A 38 3.59 9.79 13.06
CA ALA A 38 4.87 10.47 12.89
C ALA A 38 5.34 11.11 14.20
N LYS A 39 4.42 11.75 14.92
CA LYS A 39 4.79 12.45 16.15
C LYS A 39 5.12 11.53 17.32
N GLU A 40 4.77 10.25 17.22
CA GLU A 40 5.14 9.28 18.24
C GLU A 40 6.36 8.49 17.83
N GLY A 41 6.63 8.45 16.54
CA GLY A 41 7.89 7.90 16.07
C GLY A 41 8.99 8.85 16.51
N LEU A 42 8.71 10.15 16.36
CA LEU A 42 9.66 11.19 16.74
C LEU A 42 9.93 11.19 18.25
N LYS A 43 8.90 10.90 19.04
CA LYS A 43 9.05 10.84 20.48
C LYS A 43 9.88 9.62 20.86
N ARG A 44 9.69 8.53 20.13
CA ARG A 44 10.46 7.31 20.38
C ARG A 44 11.86 7.41 19.77
N GLY A 45 12.14 8.53 19.11
CA GLY A 45 13.46 8.81 18.57
C GLY A 45 13.76 8.10 17.27
N GLU A 46 12.72 7.78 16.50
CA GLU A 46 12.89 7.09 15.23
C GLU A 46 13.35 8.07 14.14
N THR A 47 14.25 7.61 13.28
CA THR A 47 14.90 8.49 12.32
C THR A 47 14.57 8.12 10.86
N THR A 48 13.70 7.13 10.69
CA THR A 48 13.33 6.70 9.34
C THR A 48 11.85 6.92 9.04
N HIS A 49 11.53 7.03 7.75
CA HIS A 49 10.14 7.10 7.25
C HIS A 49 9.38 8.37 7.63
N HIS A 50 9.54 8.82 8.87
CA HIS A 50 8.74 9.93 9.37
C HIS A 50 9.10 11.27 8.75
N ALA A 51 8.06 12.02 8.39
CA ALA A 51 8.23 13.42 8.04
C ALA A 51 8.44 14.20 9.33
N VAL A 52 9.37 15.15 9.30
CA VAL A 52 9.78 15.81 10.52
C VAL A 52 8.78 16.89 10.96
N SER A 53 7.90 17.30 10.06
CA SER A 53 6.85 18.26 10.38
C SER A 53 5.76 18.26 9.31
N ARG A 54 4.71 19.04 9.55
CA ARG A 54 3.64 19.24 8.59
C ARG A 54 4.13 19.78 7.25
N GLY A 55 5.34 20.34 7.25
CA GLY A 55 5.89 21.00 6.08
C GLY A 55 6.16 20.09 4.90
N SER A 56 6.55 18.85 5.18
CA SER A 56 6.85 17.90 4.11
C SER A 56 5.61 17.65 3.26
N ALA A 57 4.46 17.55 3.92
CA ALA A 57 3.19 17.35 3.24
C ALA A 57 2.77 18.61 2.50
N LYS A 58 3.09 19.77 3.07
CA LYS A 58 2.77 21.03 2.43
C LYS A 58 3.53 21.18 1.12
N LEU A 59 4.84 20.95 1.17
CA LEU A 59 5.68 21.07 -0.01
C LEU A 59 5.26 20.06 -1.07
N GLN A 60 4.94 18.85 -0.62
CA GLN A 60 4.52 17.77 -1.51
C GLN A 60 3.42 18.20 -2.45
N TRP A 61 2.47 18.98 -1.93
CA TRP A 61 1.33 19.43 -2.71
C TRP A 61 1.77 20.22 -3.94
N PHE A 62 2.77 21.06 -3.77
CA PHE A 62 3.32 21.83 -4.89
C PHE A 62 4.09 20.93 -5.85
N VAL A 63 5.05 20.18 -5.30
CA VAL A 63 5.87 19.26 -6.08
C VAL A 63 5.02 18.25 -6.86
N GLU A 64 3.86 17.93 -6.30
CA GLU A 64 2.90 17.02 -6.93
C GLU A 64 2.44 17.55 -8.29
N ARG A 65 2.11 18.84 -8.33
CA ARG A 65 1.53 19.46 -9.51
C ARG A 65 2.57 20.19 -10.34
N ASN A 66 3.84 19.88 -10.07
CA ASN A 66 4.96 20.49 -10.78
C ASN A 66 4.99 22.02 -10.72
N MET A 67 4.30 22.58 -9.72
CA MET A 67 4.32 24.02 -9.50
C MET A 67 5.74 24.46 -9.17
N VAL A 68 6.46 23.58 -8.47
CA VAL A 68 7.91 23.72 -8.32
C VAL A 68 8.52 22.33 -8.44
N ILE A 69 9.56 22.21 -9.26
CA ILE A 69 10.22 20.93 -9.47
C ILE A 69 11.68 21.04 -9.03
N PRO A 70 11.95 20.73 -7.76
CA PRO A 70 13.30 20.88 -7.21
C PRO A 70 14.33 20.06 -7.99
N GLU A 71 15.50 20.66 -8.20
CA GLU A 71 16.54 20.04 -9.01
C GLU A 71 17.93 20.57 -8.63
N GLY A 72 18.96 19.77 -8.90
CA GLY A 72 20.33 20.15 -8.62
C GLY A 72 20.57 20.50 -7.16
N ARG A 73 21.26 21.60 -6.94
CA ARG A 73 21.49 22.10 -5.58
C ARG A 73 20.25 22.84 -5.08
N VAL A 74 19.67 22.34 -3.99
CA VAL A 74 18.50 22.96 -3.40
C VAL A 74 18.88 23.72 -2.14
N ILE A 75 18.50 24.99 -2.08
CA ILE A 75 18.76 25.80 -0.89
C ILE A 75 17.44 26.14 -0.19
N ASP A 76 17.36 25.76 1.09
CA ASP A 76 16.13 25.89 1.86
C ASP A 76 16.30 26.93 2.98
N LEU A 77 15.93 28.16 2.67
CA LEU A 77 16.02 29.25 3.65
C LEU A 77 14.94 29.13 4.71
N GLY A 78 15.35 29.16 5.98
CA GLY A 78 14.42 28.99 7.08
C GLY A 78 13.89 27.58 7.12
N CYS A 79 14.79 26.60 7.06
CA CYS A 79 14.40 25.20 6.95
C CYS A 79 13.75 24.66 8.23
N GLY A 80 14.00 25.32 9.36
CA GLY A 80 13.45 24.89 10.63
C GLY A 80 13.84 23.46 10.97
N ARG A 81 12.86 22.62 11.27
CA ARG A 81 13.10 21.22 11.58
C ARG A 81 13.56 20.46 10.33
N GLY A 82 13.18 20.97 9.15
CA GLY A 82 13.71 20.46 7.90
C GLY A 82 12.73 19.72 6.99
N GLY A 83 11.44 19.96 7.17
CA GLY A 83 10.41 19.28 6.40
C GLY A 83 10.57 19.36 4.89
N TRP A 84 10.88 20.55 4.39
CA TRP A 84 11.05 20.74 2.96
C TRP A 84 12.35 20.12 2.46
N SER A 85 13.39 20.18 3.29
CA SER A 85 14.70 19.67 2.90
C SER A 85 14.73 18.16 2.82
N TYR A 86 14.09 17.50 3.79
CA TYR A 86 14.05 16.05 3.82
C TYR A 86 13.19 15.48 2.70
N TYR A 87 12.20 16.26 2.27
CA TYR A 87 11.33 15.82 1.18
C TYR A 87 12.05 15.92 -0.16
N CYS A 88 12.83 16.97 -0.33
CA CYS A 88 13.53 17.22 -1.60
C CYS A 88 14.62 16.20 -1.85
N ALA A 89 15.15 15.64 -0.78
CA ALA A 89 16.28 14.72 -0.86
C ALA A 89 15.95 13.44 -1.62
N GLY A 90 14.66 13.20 -1.85
CA GLY A 90 14.23 12.01 -2.54
C GLY A 90 13.66 12.27 -3.91
N LEU A 91 13.81 13.51 -4.39
CA LEU A 91 13.28 13.88 -5.69
C LEU A 91 14.32 13.63 -6.78
N LYS A 92 13.83 13.19 -7.94
CA LYS A 92 14.66 12.75 -9.06
C LYS A 92 15.84 13.66 -9.37
N LYS A 93 15.55 14.90 -9.72
CA LYS A 93 16.58 15.82 -10.23
C LYS A 93 17.39 16.50 -9.12
N VAL A 94 17.06 16.22 -7.86
CA VAL A 94 17.76 16.83 -6.72
C VAL A 94 19.09 16.14 -6.41
N THR A 95 20.17 16.90 -6.39
CA THR A 95 21.49 16.34 -6.11
C THR A 95 22.05 16.76 -4.75
N GLU A 96 21.62 17.91 -4.25
CA GLU A 96 22.13 18.41 -2.97
C GLU A 96 21.15 19.36 -2.31
N VAL A 97 20.97 19.22 -1.00
CA VAL A 97 20.08 20.12 -0.26
C VAL A 97 20.80 20.82 0.89
N ARG A 98 20.75 22.15 0.87
CA ARG A 98 21.31 22.96 1.96
C ARG A 98 20.20 23.69 2.70
N GLY A 99 20.12 23.48 4.01
CA GLY A 99 19.12 24.16 4.82
C GLY A 99 19.75 25.18 5.76
N TYR A 100 19.22 26.38 5.75
CA TYR A 100 19.67 27.43 6.66
C TYR A 100 18.52 27.88 7.56
N THR A 101 18.67 27.68 8.87
CA THR A 101 17.65 28.16 9.80
C THR A 101 18.30 28.88 10.97
N LYS A 102 17.54 29.75 11.63
CA LYS A 102 18.08 30.60 12.69
C LYS A 102 18.42 29.79 13.92
N GLY A 103 17.47 28.96 14.37
CA GLY A 103 17.65 28.18 15.58
C GLY A 103 17.66 29.07 16.81
N GLY A 104 18.12 28.51 17.92
CA GLY A 104 18.12 29.24 19.18
C GLY A 104 16.74 29.24 19.80
N PRO A 105 16.62 29.85 21.00
CA PRO A 105 15.37 29.91 21.77
C PRO A 105 14.21 30.52 20.99
N GLY A 106 13.09 29.81 20.95
CA GLY A 106 11.91 30.28 20.25
C GLY A 106 11.90 29.92 18.78
N HIS A 107 12.95 29.25 18.33
CA HIS A 107 13.05 28.88 16.92
C HIS A 107 13.29 27.38 16.73
N GLU A 108 12.81 26.86 15.61
CA GLU A 108 12.94 25.44 15.31
C GLU A 108 14.38 25.07 14.99
N GLU A 109 14.88 24.04 15.65
CA GLU A 109 16.18 23.47 15.32
C GLU A 109 15.96 22.31 14.37
N PRO A 110 16.89 22.10 13.42
CA PRO A 110 16.79 20.96 12.51
C PRO A 110 16.80 19.63 13.26
N VAL A 111 15.97 18.70 12.81
CA VAL A 111 15.97 17.37 13.41
C VAL A 111 16.70 16.39 12.51
N PRO A 112 17.78 15.79 13.03
CA PRO A 112 18.54 14.78 12.30
C PRO A 112 17.66 13.57 12.00
N MET A 113 17.70 13.10 10.76
CA MET A 113 16.91 11.94 10.35
C MET A 113 17.72 11.02 9.46
N SER A 114 17.20 9.81 9.22
CA SER A 114 17.86 8.84 8.37
C SER A 114 16.97 8.51 7.18
N THR A 115 16.01 9.38 6.90
CA THR A 115 15.11 9.20 5.77
C THR A 115 15.90 9.21 4.46
N TYR A 116 15.31 8.63 3.42
CA TYR A 116 16.00 8.41 2.16
C TYR A 116 16.60 9.69 1.57
N GLY A 117 17.92 9.70 1.43
CA GLY A 117 18.63 10.84 0.87
C GLY A 117 19.25 11.75 1.91
N TRP A 118 19.34 11.27 3.15
CA TRP A 118 19.89 12.08 4.24
C TRP A 118 21.33 12.50 3.94
N ASN A 119 22.04 11.67 3.18
CA ASN A 119 23.44 11.90 2.90
C ASN A 119 23.71 13.07 1.95
N ILE A 120 22.64 13.65 1.39
CA ILE A 120 22.80 14.84 0.56
C ILE A 120 22.13 16.05 1.20
N VAL A 121 21.74 15.91 2.46
CA VAL A 121 21.10 16.98 3.20
C VAL A 121 22.04 17.62 4.22
N LYS A 122 22.15 18.94 4.17
CA LYS A 122 22.98 19.68 5.11
C LYS A 122 22.23 20.84 5.74
N LEU A 123 21.72 20.62 6.96
CA LEU A 123 20.98 21.66 7.67
C LEU A 123 21.86 22.35 8.70
N MET A 124 21.78 23.66 8.77
CA MET A 124 22.62 24.44 9.68
C MET A 124 21.82 25.42 10.54
N SER A 125 22.05 25.38 11.85
CA SER A 125 21.53 26.41 12.76
C SER A 125 22.53 27.53 12.97
N GLY A 126 22.12 28.55 13.72
CA GLY A 126 22.95 29.73 13.91
C GLY A 126 23.16 30.44 12.60
N LYS A 127 22.23 30.24 11.67
CA LYS A 127 22.34 30.77 10.33
C LYS A 127 21.14 31.65 9.96
N ASP A 128 21.17 32.91 10.37
CA ASP A 128 20.11 33.85 10.02
C ASP A 128 20.27 34.31 8.57
N VAL A 129 19.28 33.98 7.74
CA VAL A 129 19.38 34.22 6.31
C VAL A 129 19.31 35.70 5.95
N PHE A 130 18.88 36.53 6.89
CA PHE A 130 18.85 37.98 6.66
C PHE A 130 20.23 38.57 6.88
N TYR A 131 21.18 37.72 7.27
CA TYR A 131 22.58 38.11 7.43
C TYR A 131 23.44 37.38 6.41
N LEU A 132 22.79 36.70 5.46
CA LEU A 132 23.48 35.78 4.57
C LEU A 132 23.60 36.26 3.13
N PRO A 133 24.82 36.26 2.60
CA PRO A 133 25.04 36.54 1.17
C PRO A 133 24.43 35.46 0.30
N PRO A 134 23.67 35.86 -0.73
CA PRO A 134 23.05 34.93 -1.68
C PRO A 134 24.06 33.99 -2.33
N GLU A 135 23.71 32.71 -2.44
CA GLU A 135 24.56 31.72 -3.09
C GLU A 135 23.91 31.22 -4.38
N LYS A 136 24.72 30.68 -5.28
CA LYS A 136 24.21 30.04 -6.48
C LYS A 136 23.46 28.77 -6.11
N CYS A 137 22.30 28.57 -6.72
CA CYS A 137 21.53 27.35 -6.53
C CYS A 137 20.58 27.13 -7.70
N ASP A 138 20.14 25.89 -7.87
CA ASP A 138 19.23 25.55 -8.96
C ASP A 138 17.79 25.57 -8.47
N THR A 139 17.62 25.55 -7.15
CA THR A 139 16.30 25.59 -6.54
C THR A 139 16.35 26.37 -5.25
N LEU A 140 15.47 27.35 -5.11
CA LEU A 140 15.43 28.18 -3.92
C LEU A 140 14.10 28.02 -3.20
N LEU A 141 14.15 27.52 -1.98
CA LEU A 141 12.95 27.41 -1.16
C LEU A 141 13.01 28.37 0.02
N CYS A 142 11.84 28.85 0.44
CA CYS A 142 11.76 29.73 1.60
C CYS A 142 10.36 29.69 2.19
N ASP A 143 10.27 29.35 3.47
CA ASP A 143 8.98 29.21 4.14
C ASP A 143 8.88 30.16 5.33
N ILE A 144 9.73 31.19 5.32
CA ILE A 144 9.78 32.16 6.40
C ILE A 144 8.55 33.07 6.37
N GLY A 145 7.95 33.27 7.53
CA GLY A 145 6.83 34.18 7.67
C GLY A 145 6.31 34.17 9.10
N GLU A 146 6.69 35.18 9.88
CA GLU A 146 6.23 35.27 11.27
C GLU A 146 4.92 36.05 11.33
N SER A 147 3.84 35.36 11.70
CA SER A 147 2.50 35.96 11.64
C SER A 147 2.32 37.06 12.69
N SER A 148 1.29 37.87 12.47
CA SER A 148 0.97 38.97 13.39
C SER A 148 -0.50 39.36 13.28
N PRO A 149 -1.13 39.66 14.42
CA PRO A 149 -2.52 40.12 14.43
C PRO A 149 -2.67 41.49 13.77
N SER A 150 -1.54 42.13 13.48
CA SER A 150 -1.54 43.38 12.74
C SER A 150 -1.16 43.15 11.28
N PRO A 151 -2.08 43.49 10.36
CA PRO A 151 -1.80 43.34 8.92
C PRO A 151 -0.60 44.16 8.46
N THR A 152 -0.45 45.39 8.95
CA THR A 152 0.67 46.23 8.52
C THR A 152 1.99 45.72 9.07
N VAL A 153 1.94 45.04 10.22
CA VAL A 153 3.14 44.42 10.77
C VAL A 153 3.51 43.20 9.93
N GLU A 154 2.52 42.40 9.57
CA GLU A 154 2.74 41.29 8.66
C GLU A 154 3.26 41.79 7.32
N GLU A 155 2.75 42.95 6.91
CA GLU A 155 3.10 43.55 5.62
C GLU A 155 4.59 43.80 5.48
N SER A 156 5.17 44.51 6.43
CA SER A 156 6.59 44.85 6.36
C SER A 156 7.45 43.60 6.51
N ARG A 157 6.96 42.64 7.30
CA ARG A 157 7.68 41.37 7.46
C ARG A 157 7.75 40.63 6.13
N THR A 158 6.66 40.65 5.38
CA THR A 158 6.60 39.98 4.09
C THR A 158 7.56 40.63 3.09
N ILE A 159 7.53 41.96 3.03
CA ILE A 159 8.41 42.70 2.13
C ILE A 159 9.88 42.46 2.49
N ARG A 160 10.17 42.43 3.78
CA ARG A 160 11.52 42.13 4.25
C ARG A 160 11.98 40.78 3.72
N VAL A 161 11.09 39.78 3.80
CA VAL A 161 11.36 38.46 3.25
C VAL A 161 11.60 38.56 1.74
N LEU A 162 10.71 39.28 1.07
CA LEU A 162 10.79 39.41 -0.39
C LEU A 162 12.09 40.06 -0.86
N LYS A 163 12.49 41.14 -0.19
CA LYS A 163 13.72 41.82 -0.58
C LYS A 163 14.94 40.96 -0.27
N MET A 164 14.88 40.23 0.85
CA MET A 164 15.94 39.32 1.21
C MET A 164 16.14 38.24 0.15
N VAL A 165 15.03 37.73 -0.36
CA VAL A 165 15.05 36.52 -1.17
C VAL A 165 15.24 36.77 -2.67
N GLU A 166 14.95 37.97 -3.13
CA GLU A 166 15.06 38.27 -4.56
C GLU A 166 16.44 38.01 -5.15
N PRO A 167 17.53 38.46 -4.48
CA PRO A 167 18.85 38.19 -5.08
C PRO A 167 19.23 36.72 -5.20
N TRP A 168 18.52 35.83 -4.51
CA TRP A 168 18.79 34.40 -4.63
C TRP A 168 18.23 33.85 -5.93
N LEU A 169 17.31 34.58 -6.54
CA LEU A 169 16.61 34.10 -7.73
C LEU A 169 17.33 34.46 -9.04
N LYS A 170 17.68 33.45 -9.82
CA LYS A 170 18.33 33.67 -11.09
C LYS A 170 18.09 32.51 -12.05
N ASN A 171 16.97 32.57 -12.75
CA ASN A 171 16.57 31.53 -13.70
C ASN A 171 16.58 30.15 -13.08
N ASN A 172 16.15 30.07 -11.83
CA ASN A 172 16.11 28.81 -11.10
C ASN A 172 14.72 28.51 -10.55
N GLN A 173 14.51 27.25 -10.15
CA GLN A 173 13.26 26.86 -9.52
C GLN A 173 13.13 27.52 -8.15
N PHE A 174 11.92 27.93 -7.79
CA PHE A 174 11.71 28.47 -6.45
C PHE A 174 10.28 28.31 -5.93
N CYS A 175 10.18 28.20 -4.61
CA CYS A 175 8.90 28.17 -3.91
C CYS A 175 9.05 29.01 -2.64
N ILE A 176 8.35 30.14 -2.61
CA ILE A 176 8.53 31.13 -1.55
C ILE A 176 7.21 31.51 -0.89
N LYS A 177 7.14 31.34 0.44
CA LYS A 177 5.95 31.75 1.17
C LYS A 177 5.80 33.26 1.17
N VAL A 178 4.60 33.72 0.84
CA VAL A 178 4.24 35.11 0.98
C VAL A 178 3.20 35.20 2.08
N LEU A 179 3.65 35.47 3.30
CA LEU A 179 2.80 35.45 4.49
C LEU A 179 1.54 36.29 4.33
N ASN A 180 1.72 37.58 4.05
CA ASN A 180 0.61 38.49 3.84
C ASN A 180 0.64 39.07 2.44
N PRO A 181 -0.15 38.48 1.52
CA PRO A 181 -0.11 38.86 0.10
C PRO A 181 -1.23 39.80 -0.33
N TYR A 182 -2.13 40.18 0.57
CA TYR A 182 -3.28 41.01 0.21
C TYR A 182 -3.08 42.49 0.48
N MET A 183 -2.03 42.83 1.24
CA MET A 183 -1.72 44.23 1.49
C MET A 183 -1.19 44.87 0.21
N PRO A 184 -1.73 46.03 -0.15
CA PRO A 184 -1.50 46.69 -1.44
C PRO A 184 -0.02 46.84 -1.82
N THR A 185 0.82 47.21 -0.88
CA THR A 185 2.24 47.42 -1.17
C THR A 185 2.94 46.10 -1.50
N VAL A 186 2.46 45.02 -0.89
CA VAL A 186 3.01 43.70 -1.16
C VAL A 186 2.57 43.24 -2.55
N ILE A 187 1.30 43.43 -2.85
CA ILE A 187 0.77 43.17 -4.18
C ILE A 187 1.58 43.93 -5.22
N GLU A 188 1.91 45.17 -4.87
CA GLU A 188 2.71 46.03 -5.73
C GLU A 188 4.11 45.45 -5.95
N HIS A 189 4.76 45.03 -4.86
CA HIS A 189 6.12 44.49 -4.93
C HIS A 189 6.16 43.13 -5.62
N LEU A 190 5.14 42.31 -5.40
CA LEU A 190 5.05 41.00 -6.03
C LEU A 190 4.94 41.13 -7.54
N GLU A 191 4.19 42.13 -7.99
CA GLU A 191 4.00 42.36 -9.42
C GLU A 191 5.30 42.73 -10.12
N ARG A 192 6.09 43.60 -9.50
CA ARG A 192 7.41 43.94 -10.03
C ARG A 192 8.29 42.70 -10.05
N LEU A 193 8.20 41.90 -9.00
CA LEU A 193 8.94 40.65 -8.92
C LEU A 193 8.52 39.67 -10.00
N GLN A 194 7.23 39.64 -10.30
CA GLN A 194 6.69 38.72 -11.29
C GLN A 194 7.14 39.10 -12.70
N ARG A 195 7.41 40.38 -12.90
CA ARG A 195 7.88 40.85 -14.21
C ARG A 195 9.34 40.45 -14.43
N LYS A 196 10.08 40.26 -13.35
CA LYS A 196 11.51 39.99 -13.44
C LYS A 196 11.83 38.50 -13.36
N HIS A 197 11.12 37.77 -12.51
CA HIS A 197 11.43 36.38 -12.26
C HIS A 197 10.31 35.43 -12.68
N GLY A 198 9.18 36.01 -13.06
CA GLY A 198 8.03 35.21 -13.47
C GLY A 198 7.38 34.48 -12.31
N GLY A 199 6.59 33.47 -12.63
CA GLY A 199 5.92 32.68 -11.61
C GLY A 199 4.51 33.14 -11.32
N MET A 200 3.96 32.66 -10.20
CA MET A 200 2.60 33.02 -9.80
CA MET A 200 2.58 32.96 -9.82
C MET A 200 2.34 32.69 -8.33
N LEU A 201 1.36 33.36 -7.75
CA LEU A 201 0.94 33.09 -6.37
C LEU A 201 -0.10 31.98 -6.34
N VAL A 202 0.08 31.04 -5.42
CA VAL A 202 -0.83 29.90 -5.29
C VAL A 202 -1.18 29.67 -3.82
N ARG A 203 -2.45 29.35 -3.58
CA ARG A 203 -2.91 28.97 -2.25
C ARG A 203 -2.76 27.47 -2.04
N ASN A 204 -2.28 27.09 -0.86
CA ASN A 204 -2.14 25.68 -0.51
C ASN A 204 -3.28 25.26 0.39
N PRO A 205 -4.03 24.22 -0.01
CA PRO A 205 -5.21 23.78 0.73
C PRO A 205 -4.89 23.31 2.15
N LEU A 206 -3.64 22.93 2.39
CA LEU A 206 -3.22 22.51 3.72
C LEU A 206 -3.03 23.70 4.65
N SER A 207 -3.04 24.91 4.10
CA SER A 207 -2.95 26.12 4.92
C SER A 207 -4.24 26.31 5.70
N ARG A 208 -4.12 26.70 6.97
CA ARG A 208 -5.27 26.92 7.81
C ARG A 208 -5.98 28.22 7.43
N ASN A 209 -7.27 28.29 7.69
CA ASN A 209 -8.06 29.46 7.33
C ASN A 209 -7.65 30.72 8.08
N SER A 210 -6.87 30.53 9.16
CA SER A 210 -6.43 31.63 10.00
C SER A 210 -5.19 32.33 9.45
N THR A 211 -4.73 31.88 8.29
CA THR A 211 -3.65 32.57 7.60
C THR A 211 -4.00 32.77 6.13
N HIS A 212 -3.57 33.89 5.57
CA HIS A 212 -3.86 34.24 4.19
C HIS A 212 -2.68 33.84 3.31
N GLU A 213 -1.71 33.17 3.92
CA GLU A 213 -0.44 32.84 3.25
C GLU A 213 -0.65 32.21 1.87
N MET A 214 0.14 32.70 0.93
CA MET A 214 0.16 32.15 -0.43
C MET A 214 1.62 31.90 -0.81
N TYR A 215 1.84 31.14 -1.87
CA TYR A 215 3.20 30.78 -2.24
C TYR A 215 3.57 31.21 -3.65
N TRP A 216 4.65 31.99 -3.74
CA TRP A 216 5.20 32.39 -5.01
C TRP A 216 6.02 31.25 -5.60
N ILE A 217 5.47 30.59 -6.60
CA ILE A 217 6.16 29.47 -7.25
C ILE A 217 6.58 29.85 -8.66
N SER A 218 7.66 29.26 -9.15
CA SER A 218 8.26 29.66 -10.42
C SER A 218 7.53 29.11 -11.65
N ASN A 219 7.00 27.89 -11.55
CA ASN A 219 6.34 27.27 -12.69
C ASN A 219 4.85 27.59 -12.72
N GLY A 220 4.53 28.76 -13.26
CA GLY A 220 3.15 29.20 -13.36
C GLY A 220 3.10 30.61 -13.88
N THR A 221 1.92 30.99 -14.38
CA THR A 221 1.68 32.36 -14.79
C THR A 221 0.22 32.69 -14.49
N GLY A 222 -0.03 33.89 -13.97
CA GLY A 222 -1.38 34.27 -13.63
C GLY A 222 -1.45 35.64 -12.99
N ASN A 223 -2.66 36.16 -12.84
CA ASN A 223 -2.86 37.48 -12.27
C ASN A 223 -2.78 37.45 -10.74
N ILE A 224 -1.76 38.12 -10.20
CA ILE A 224 -1.52 38.16 -8.77
C ILE A 224 -2.74 38.62 -7.98
N VAL A 225 -3.25 39.81 -8.31
CA VAL A 225 -4.37 40.40 -7.61
C VAL A 225 -5.58 39.47 -7.59
N SER A 226 -5.81 38.80 -8.72
CA SER A 226 -6.97 37.94 -8.88
C SER A 226 -6.91 36.73 -7.95
N SER A 227 -5.77 36.05 -7.90
CA SER A 227 -5.63 34.86 -7.08
C SER A 227 -5.66 35.19 -5.60
N VAL A 228 -5.09 36.35 -5.24
CA VAL A 228 -5.09 36.78 -3.85
C VAL A 228 -6.51 37.08 -3.38
N ASN A 229 -7.26 37.78 -4.23
CA ASN A 229 -8.64 38.11 -3.92
C ASN A 229 -9.56 36.88 -3.93
N MET A 230 -9.19 35.87 -4.71
CA MET A 230 -9.95 34.62 -4.73
C MET A 230 -9.82 33.91 -3.38
N VAL A 231 -8.61 33.92 -2.84
CA VAL A 231 -8.37 33.37 -1.51
C VAL A 231 -9.16 34.16 -0.48
N SER A 232 -9.14 35.49 -0.63
CA SER A 232 -9.86 36.37 0.28
C SER A 232 -11.34 36.00 0.37
N ARG A 233 -11.96 35.83 -0.80
CA ARG A 233 -13.37 35.48 -0.85
C ARG A 233 -13.62 34.11 -0.24
N LEU A 234 -12.77 33.14 -0.59
CA LEU A 234 -12.88 31.78 -0.05
C LEU A 234 -12.81 31.78 1.47
N LEU A 235 -11.82 32.46 2.02
CA LEU A 235 -11.65 32.54 3.46
C LEU A 235 -12.80 33.30 4.12
N LEU A 236 -13.24 34.38 3.47
CA LEU A 236 -14.39 35.14 3.95
C LEU A 236 -15.66 34.29 3.91
N ASN A 237 -15.79 33.48 2.86
CA ASN A 237 -16.93 32.58 2.74
C ASN A 237 -16.98 31.56 3.86
N ARG A 238 -15.81 31.03 4.23
CA ARG A 238 -15.73 29.97 5.21
C ARG A 238 -16.02 30.45 6.63
N PHE A 239 -16.17 31.77 6.80
CA PHE A 239 -16.67 32.30 8.06
C PHE A 239 -18.11 31.86 8.26
N THR A 240 -18.93 32.08 7.24
CA THR A 240 -20.37 31.88 7.33
C THR A 240 -20.81 30.49 6.91
N MET A 241 -19.99 29.80 6.12
CA MET A 241 -20.34 28.45 5.68
C MET A 241 -20.43 27.55 6.91
N THR A 242 -21.36 26.60 6.87
CA THR A 242 -21.54 25.68 8.00
C THR A 242 -20.29 24.84 8.18
N HIS A 243 -19.84 24.72 9.43
CA HIS A 243 -18.54 24.14 9.74
C HIS A 243 -18.31 22.75 9.14
N ARG A 244 -17.18 22.60 8.47
CA ARG A 244 -16.80 21.34 7.86
C ARG A 244 -15.58 20.75 8.56
N ARG A 245 -15.70 19.50 8.99
CA ARG A 245 -14.55 18.79 9.54
C ARG A 245 -13.52 18.63 8.43
N PRO A 246 -12.26 19.00 8.72
CA PRO A 246 -11.19 19.01 7.71
C PRO A 246 -10.99 17.67 7.01
N THR A 247 -10.53 17.72 5.76
CA THR A 247 -10.18 16.53 5.02
C THR A 247 -8.81 16.04 5.44
N ILE A 248 -8.73 14.78 5.85
CA ILE A 248 -7.48 14.24 6.37
C ILE A 248 -6.73 13.36 5.36
N GLU A 249 -5.52 13.78 5.00
CA GLU A 249 -4.65 12.98 4.15
C GLU A 249 -3.83 12.00 4.98
N LYS A 250 -3.18 11.05 4.32
CA LYS A 250 -2.20 10.21 4.97
C LYS A 250 -0.83 10.87 4.85
N ASP A 251 -0.10 10.90 5.96
CA ASP A 251 1.19 11.60 5.99
C ASP A 251 2.21 10.97 5.06
N VAL A 252 3.23 11.75 4.73
CA VAL A 252 4.28 11.33 3.81
C VAL A 252 5.17 10.25 4.41
N ASP A 253 5.66 9.35 3.57
CA ASP A 253 6.65 8.36 3.98
C ASP A 253 7.96 8.61 3.23
N LEU A 254 8.96 9.07 3.95
CA LEU A 254 10.20 9.53 3.32
C LEU A 254 11.28 8.44 3.28
N GLY A 255 10.88 7.20 3.56
CA GLY A 255 11.77 6.06 3.42
C GLY A 255 12.94 6.08 4.37
N ALA A 256 14.07 5.53 3.92
CA ALA A 256 15.27 5.42 4.75
C ALA A 256 16.51 5.14 3.91
N GLY A 257 17.68 5.43 4.48
CA GLY A 257 18.93 5.04 3.86
C GLY A 257 19.55 6.08 2.95
N THR A 258 20.82 5.85 2.59
CA THR A 258 21.53 6.76 1.72
C THR A 258 20.97 6.71 0.30
N ARG A 259 21.13 7.81 -0.43
CA ARG A 259 20.71 7.86 -1.82
C ARG A 259 21.92 8.03 -2.72
N HIS A 260 22.10 7.10 -3.63
CA HIS A 260 23.16 7.22 -4.62
C HIS A 260 22.53 7.51 -5.98
N VAL A 261 22.53 8.79 -6.32
CA VAL A 261 21.78 9.32 -7.46
C VAL A 261 22.19 8.64 -8.77
N ASN A 262 23.46 8.28 -8.88
CA ASN A 262 23.94 7.64 -10.11
C ASN A 262 23.48 6.19 -10.24
N ALA A 263 23.04 5.59 -9.15
CA ALA A 263 22.66 4.19 -9.15
C ALA A 263 21.17 4.00 -9.38
N GLU A 264 20.43 5.10 -9.42
CA GLU A 264 18.97 5.05 -9.59
C GLU A 264 18.47 4.78 -11.03
N PRO A 265 19.03 5.45 -12.06
CA PRO A 265 18.45 5.31 -13.41
C PRO A 265 18.41 3.88 -13.96
N GLU A 266 17.26 3.53 -14.54
CA GLU A 266 17.04 2.22 -15.14
C GLU A 266 17.51 2.20 -16.60
N THR A 267 18.08 1.08 -17.03
CA THR A 267 18.51 0.92 -18.41
C THR A 267 17.65 -0.09 -19.14
N PRO A 268 16.77 0.37 -20.04
CA PRO A 268 15.77 -0.47 -20.70
C PRO A 268 16.32 -1.33 -21.84
N ASN A 269 15.82 -2.56 -21.94
CA ASN A 269 16.10 -3.40 -23.09
C ASN A 269 15.12 -3.08 -24.21
N MET A 270 15.47 -2.08 -25.03
CA MET A 270 14.55 -1.56 -26.03
C MET A 270 14.18 -2.58 -27.09
N ASP A 271 15.08 -3.53 -27.36
CA ASP A 271 14.79 -4.57 -28.33
C ASP A 271 13.73 -5.53 -27.79
N VAL A 272 13.54 -5.52 -26.48
CA VAL A 272 12.55 -6.39 -25.84
C VAL A 272 11.22 -5.66 -25.63
N ILE A 273 11.28 -4.42 -25.19
CA ILE A 273 10.06 -3.69 -24.84
C ILE A 273 9.61 -2.68 -25.89
N GLY A 274 10.40 -2.55 -26.96
CA GLY A 274 10.15 -1.54 -27.98
C GLY A 274 8.84 -1.67 -28.74
N GLU A 275 8.53 -2.89 -29.18
CA GLU A 275 7.30 -3.13 -29.94
C GLU A 275 6.06 -2.79 -29.12
N ARG A 276 6.11 -3.08 -27.82
CA ARG A 276 4.99 -2.79 -26.93
C ARG A 276 4.74 -1.28 -26.82
N ILE A 277 5.81 -0.52 -26.63
CA ILE A 277 5.72 0.93 -26.57
C ILE A 277 5.13 1.48 -27.86
N LYS A 278 5.71 1.04 -28.98
CA LYS A 278 5.27 1.45 -30.31
C LYS A 278 3.77 1.31 -30.48
N ARG A 279 3.21 0.20 -30.02
CA ARG A 279 1.78 -0.06 -30.16
C ARG A 279 0.94 0.86 -29.29
N ILE A 280 1.38 1.07 -28.05
CA ILE A 280 0.72 2.02 -27.17
C ILE A 280 0.71 3.38 -27.83
N LYS A 281 1.85 3.72 -28.42
CA LYS A 281 2.09 5.03 -29.01
C LYS A 281 1.14 5.33 -30.16
N GLU A 282 0.79 4.33 -30.95
CA GLU A 282 -0.07 4.54 -32.11
C GLU A 282 -1.55 4.22 -31.84
N GLU A 283 -1.82 3.61 -30.69
CA GLU A 283 -3.20 3.44 -30.26
C GLU A 283 -3.67 4.73 -29.59
N HIS A 284 -2.70 5.57 -29.22
CA HIS A 284 -3.00 6.87 -28.62
C HIS A 284 -2.15 7.97 -29.24
N ASN A 285 -1.96 7.91 -30.55
CA ASN A 285 -1.09 8.85 -31.26
C ASN A 285 -1.53 10.31 -31.18
N SER A 286 -2.82 10.54 -30.99
CA SER A 286 -3.38 11.89 -31.03
C SER A 286 -3.03 12.73 -29.80
N THR A 287 -2.75 12.08 -28.68
CA THR A 287 -2.38 12.81 -27.46
C THR A 287 -1.05 12.33 -26.90
N TRP A 288 -0.29 11.60 -27.71
CA TRP A 288 0.98 11.05 -27.28
C TRP A 288 2.06 12.12 -27.19
N HIS A 289 2.77 12.15 -26.05
CA HIS A 289 3.84 13.11 -25.85
C HIS A 289 4.91 12.56 -24.92
N TYR A 290 6.04 13.26 -24.84
CA TYR A 290 7.12 12.86 -23.95
C TYR A 290 7.36 13.94 -22.89
N ASP A 291 7.06 13.60 -21.64
CA ASP A 291 7.14 14.58 -20.55
C ASP A 291 8.50 14.50 -19.86
N ASP A 292 9.31 15.55 -20.02
CA ASP A 292 10.60 15.62 -19.36
C ASP A 292 10.46 15.88 -17.87
N GLU A 293 9.26 16.25 -17.45
CA GLU A 293 9.02 16.55 -16.05
C GLU A 293 8.39 15.35 -15.33
N ASN A 294 8.60 14.16 -15.86
CA ASN A 294 8.12 12.94 -15.21
C ASN A 294 8.98 12.67 -13.96
N PRO A 295 8.36 12.11 -12.91
CA PRO A 295 9.01 11.97 -11.60
C PRO A 295 9.85 10.70 -11.40
N TYR A 296 9.84 9.81 -12.38
CA TYR A 296 10.37 8.46 -12.16
C TYR A 296 11.89 8.40 -12.05
N LYS A 297 12.36 8.00 -10.88
CA LYS A 297 13.78 7.89 -10.59
C LYS A 297 14.38 6.57 -11.05
N THR A 298 13.69 5.47 -10.77
CA THR A 298 14.26 4.14 -10.98
C THR A 298 13.49 3.30 -12.00
N TRP A 299 12.43 3.87 -12.55
CA TRP A 299 11.73 3.25 -13.68
C TRP A 299 12.04 4.07 -14.93
N ALA A 300 12.19 3.38 -16.07
CA ALA A 300 12.49 4.05 -17.32
C ALA A 300 11.21 4.63 -17.94
N TYR A 301 11.21 5.92 -18.21
CA TYR A 301 10.05 6.60 -18.79
C TYR A 301 10.11 6.57 -20.32
N HIS A 302 8.96 6.44 -20.96
CA HIS A 302 8.92 6.24 -22.41
C HIS A 302 7.98 7.18 -23.14
N GLY A 303 7.03 7.76 -22.42
CA GLY A 303 6.06 8.65 -23.03
C GLY A 303 4.73 8.65 -22.31
N SER A 304 3.84 9.54 -22.72
CA SER A 304 2.54 9.69 -22.06
C SER A 304 1.45 10.06 -23.03
N TYR A 305 0.21 9.77 -22.65
CA TYR A 305 -0.95 10.27 -23.39
C TYR A 305 -2.05 10.67 -22.40
N GLU A 306 -2.97 11.50 -22.85
CA GLU A 306 -3.98 12.06 -21.96
C GLU A 306 -5.11 11.10 -21.67
N VAL A 307 -5.82 11.34 -20.57
CA VAL A 307 -6.80 10.41 -20.05
C VAL A 307 -7.69 11.11 -19.00
N LYS A 308 -8.96 10.70 -18.91
CA LYS A 308 -9.85 11.21 -17.88
C LYS A 308 -9.56 10.53 -16.54
N ALA A 309 -9.61 11.32 -15.46
CA ALA A 309 -9.15 10.88 -14.13
C ALA A 309 -9.94 9.70 -13.55
N THR A 310 -9.22 8.80 -12.88
CA THR A 310 -9.81 7.61 -12.28
C THR A 310 -9.52 7.54 -10.78
N GLY A 311 -10.54 7.26 -9.99
CA GLY A 311 -10.34 7.00 -8.57
C GLY A 311 -11.07 7.92 -7.61
N SER A 312 -10.95 7.62 -6.32
CA SER A 312 -11.56 8.42 -5.27
C SER A 312 -10.66 8.42 -4.03
N ALA A 313 -10.78 9.46 -3.21
CA ALA A 313 -9.99 9.56 -1.99
C ALA A 313 -10.61 8.74 -0.86
N SER A 314 -11.91 8.52 -0.94
CA SER A 314 -12.60 7.72 0.07
C SER A 314 -13.45 6.64 -0.57
N SER A 315 -14.01 5.75 0.26
CA SER A 315 -14.75 4.60 -0.24
C SER A 315 -16.23 4.67 0.13
N MET A 316 -17.08 4.05 -0.69
CA MET A 316 -18.51 4.03 -0.40
C MET A 316 -18.83 3.13 0.79
N ILE A 317 -19.47 3.72 1.79
CA ILE A 317 -19.83 3.01 3.01
C ILE A 317 -21.12 2.19 2.81
N ASN A 318 -21.12 0.98 3.35
CA ASN A 318 -22.33 0.16 3.37
C ASN A 318 -23.31 0.71 4.41
N GLY A 319 -24.56 0.90 3.99
CA GLY A 319 -25.57 1.45 4.88
C GLY A 319 -26.03 0.47 5.94
N VAL A 320 -26.46 -0.72 5.49
CA VAL A 320 -27.06 -1.74 6.36
C VAL A 320 -26.24 -2.03 7.62
N VAL A 321 -24.94 -2.18 7.44
CA VAL A 321 -24.05 -2.51 8.55
C VAL A 321 -23.78 -1.28 9.42
N LYS A 322 -23.57 -0.13 8.78
CA LYS A 322 -23.22 1.11 9.46
C LYS A 322 -24.20 1.45 10.60
N LEU A 323 -25.47 1.11 10.41
CA LEU A 323 -26.49 1.46 11.39
C LEU A 323 -26.84 0.29 12.29
N LEU A 324 -26.47 -0.92 11.88
CA LEU A 324 -26.61 -2.09 12.74
C LEU A 324 -25.41 -2.20 13.67
N THR A 325 -24.44 -1.31 13.45
CA THR A 325 -23.27 -1.23 14.32
C THR A 325 -23.03 0.22 14.77
N LYS A 326 -24.03 0.79 15.43
CA LYS A 326 -23.97 2.18 15.89
C LYS A 326 -22.77 2.56 16.78
N PRO A 327 -22.36 1.68 17.72
CA PRO A 327 -21.21 2.07 18.54
C PRO A 327 -19.94 2.33 17.72
N TRP A 328 -19.79 1.58 16.64
CA TRP A 328 -18.57 1.66 15.85
C TRP A 328 -18.57 2.85 14.90
N ASP A 329 -19.67 3.61 14.89
CA ASP A 329 -19.70 4.88 14.16
C ASP A 329 -18.63 5.81 14.71
N VAL A 330 -18.33 5.65 15.99
CA VAL A 330 -17.48 6.59 16.72
C VAL A 330 -16.02 6.16 16.83
N VAL A 331 -15.76 4.85 16.74
CA VAL A 331 -14.38 4.37 16.89
C VAL A 331 -13.56 4.68 15.63
N PRO A 332 -12.38 5.30 15.83
CA PRO A 332 -11.48 5.75 14.75
C PRO A 332 -10.96 4.63 13.85
N MET A 333 -10.49 3.53 14.43
CA MET A 333 -9.89 2.44 13.65
C MET A 333 -10.84 1.90 12.57
N VAL A 334 -12.12 1.78 12.91
CA VAL A 334 -13.12 1.35 11.93
C VAL A 334 -13.27 2.42 10.85
N THR A 335 -13.82 3.58 11.22
CA THR A 335 -13.95 4.68 10.28
C THR A 335 -12.59 5.32 10.02
N GLN A 336 -11.73 4.59 9.31
CA GLN A 336 -10.47 5.13 8.82
C GLN A 336 -10.02 4.33 7.61
N MET A 337 -10.46 3.08 7.50
CA MET A 337 -10.08 2.27 6.36
C MET A 337 -10.93 2.62 5.13
N ALA A 338 -11.65 3.73 5.23
CA ALA A 338 -12.37 4.29 4.10
C ALA A 338 -11.52 5.36 3.41
N MET A 339 -10.58 5.95 4.15
CA MET A 339 -9.76 7.04 3.61
C MET A 339 -8.57 6.54 2.78
N THR A 340 -8.66 5.30 2.29
CA THR A 340 -7.71 4.83 1.29
C THR A 340 -7.94 5.59 -0.02
N ASP A 341 -6.88 6.15 -0.58
CA ASP A 341 -7.01 7.07 -1.70
C ASP A 341 -6.41 6.49 -2.99
N THR A 342 -7.27 6.27 -3.98
CA THR A 342 -6.83 5.79 -5.29
C THR A 342 -6.99 6.86 -6.38
N THR A 343 -6.93 8.13 -5.97
CA THR A 343 -6.86 9.25 -6.90
C THR A 343 -5.45 9.26 -7.52
N PRO A 344 -5.32 9.76 -8.76
CA PRO A 344 -4.01 9.97 -9.41
C PRO A 344 -2.92 10.46 -8.45
N PHE A 345 -3.26 11.44 -7.60
CA PHE A 345 -2.32 11.93 -6.60
C PHE A 345 -1.96 10.84 -5.61
N GLY A 346 -2.98 10.19 -5.06
CA GLY A 346 -2.80 9.14 -4.09
C GLY A 346 -1.92 8.01 -4.57
N GLN A 347 -2.02 7.68 -5.85
CA GLN A 347 -1.25 6.58 -6.42
C GLN A 347 0.17 6.99 -6.81
N GLN A 348 0.32 8.23 -7.25
CA GLN A 348 1.64 8.76 -7.56
C GLN A 348 2.47 8.87 -6.28
N ARG A 349 1.80 9.16 -5.17
CA ARG A 349 2.45 9.18 -3.86
C ARG A 349 2.94 7.78 -3.48
N VAL A 350 2.07 6.79 -3.67
CA VAL A 350 2.39 5.41 -3.34
C VAL A 350 3.58 4.90 -4.17
N PHE A 351 3.59 5.25 -5.45
CA PHE A 351 4.66 4.83 -6.35
C PHE A 351 6.00 5.40 -5.90
N LYS A 352 6.01 6.66 -5.48
CA LYS A 352 7.24 7.31 -5.05
C LYS A 352 7.86 6.62 -3.84
N GLU A 353 7.03 6.39 -2.84
CA GLU A 353 7.51 5.95 -1.54
C GLU A 353 7.70 4.45 -1.44
N LYS A 354 6.97 3.69 -2.24
CA LYS A 354 6.96 2.24 -2.09
C LYS A 354 7.51 1.48 -3.30
N VAL A 355 7.32 2.03 -4.50
CA VAL A 355 7.65 1.30 -5.73
C VAL A 355 8.87 1.86 -6.45
N ASP A 356 9.05 3.18 -6.40
CA ASP A 356 10.16 3.82 -7.09
C ASP A 356 11.46 3.71 -6.30
N THR A 357 11.86 2.48 -6.02
CA THR A 357 13.06 2.20 -5.24
C THR A 357 13.97 1.24 -5.99
N ARG A 358 15.22 1.12 -5.55
CA ARG A 358 16.12 0.15 -6.16
C ARG A 358 16.91 -0.61 -5.11
N THR A 359 16.93 -1.93 -5.24
CA THR A 359 17.66 -2.79 -4.32
C THR A 359 19.08 -3.02 -4.82
N PRO A 360 20.07 -2.91 -3.93
CA PRO A 360 21.45 -3.23 -4.29
C PRO A 360 21.60 -4.69 -4.66
N ARG A 361 22.39 -4.99 -5.69
CA ARG A 361 22.61 -6.37 -6.10
C ARG A 361 23.26 -7.13 -4.96
N PRO A 362 22.74 -8.33 -4.64
CA PRO A 362 23.30 -9.18 -3.59
C PRO A 362 24.76 -9.55 -3.88
N LEU A 363 25.51 -9.86 -2.84
CA LEU A 363 26.91 -10.26 -2.96
C LEU A 363 27.03 -11.57 -3.76
N PRO A 364 28.21 -11.83 -4.34
CA PRO A 364 28.42 -13.05 -5.14
C PRO A 364 28.16 -14.34 -4.35
N GLY A 365 28.54 -14.35 -3.08
CA GLY A 365 28.29 -15.51 -2.24
C GLY A 365 26.80 -15.72 -2.02
N THR A 366 26.10 -14.62 -1.74
CA THR A 366 24.65 -14.67 -1.55
C THR A 366 23.95 -15.20 -2.80
N ARG A 367 24.43 -14.77 -3.96
CA ARG A 367 23.82 -15.19 -5.22
C ARG A 367 24.03 -16.69 -5.46
N LYS A 368 25.18 -17.21 -5.05
CA LYS A 368 25.46 -18.63 -5.23
C LYS A 368 24.57 -19.47 -4.33
N VAL A 369 24.40 -19.03 -3.09
CA VAL A 369 23.52 -19.71 -2.14
C VAL A 369 22.09 -19.79 -2.65
N MET A 370 21.55 -18.66 -3.09
CA MET A 370 20.20 -18.62 -3.64
C MET A 370 20.08 -19.53 -4.87
N GLU A 371 21.14 -19.58 -5.67
CA GLU A 371 21.16 -20.43 -6.85
C GLU A 371 21.08 -21.92 -6.46
N ILE A 372 21.99 -22.35 -5.60
CA ILE A 372 22.03 -23.73 -5.13
C ILE A 372 20.71 -24.15 -4.49
N THR A 373 20.18 -23.29 -3.62
CA THR A 373 18.94 -23.58 -2.90
C THR A 373 17.74 -23.68 -3.85
N ALA A 374 17.68 -22.80 -4.84
CA ALA A 374 16.56 -22.78 -5.77
C ALA A 374 16.52 -24.03 -6.64
N GLU A 375 17.66 -24.36 -7.24
CA GLU A 375 17.78 -25.56 -8.06
C GLU A 375 17.34 -26.80 -7.28
N TRP A 376 17.72 -26.84 -6.00
CA TRP A 376 17.32 -27.93 -5.12
C TRP A 376 15.83 -27.88 -4.84
N LEU A 377 15.33 -26.68 -4.52
CA LEU A 377 13.94 -26.50 -4.16
C LEU A 377 13.00 -26.84 -5.32
N TRP A 378 13.36 -26.41 -6.52
CA TRP A 378 12.59 -26.72 -7.71
C TRP A 378 12.50 -28.24 -7.92
N ARG A 379 13.65 -28.90 -7.81
CA ARG A 379 13.72 -30.36 -7.93
C ARG A 379 12.80 -31.04 -6.92
N THR A 380 12.76 -30.51 -5.70
CA THR A 380 11.91 -31.07 -4.65
C THR A 380 10.43 -30.88 -5.01
N LEU A 381 10.09 -29.70 -5.50
CA LEU A 381 8.72 -29.36 -5.85
C LEU A 381 8.20 -30.15 -7.05
N GLY A 382 9.12 -30.63 -7.89
CA GLY A 382 8.74 -31.41 -9.06
C GLY A 382 9.01 -32.90 -8.93
N ARG A 383 9.07 -33.39 -7.70
CA ARG A 383 9.43 -34.78 -7.47
C ARG A 383 8.30 -35.71 -7.90
N ASN A 384 7.06 -35.25 -7.76
CA ASN A 384 5.90 -36.03 -8.15
C ASN A 384 5.19 -35.45 -9.36
N LYS A 385 5.09 -34.13 -9.40
CA LYS A 385 4.35 -33.44 -10.45
C LYS A 385 5.26 -33.03 -11.59
N ARG A 386 4.68 -32.94 -12.79
CA ARG A 386 5.34 -32.30 -13.92
C ARG A 386 4.65 -30.97 -14.17
N PRO A 387 5.40 -29.98 -14.67
CA PRO A 387 4.74 -28.77 -15.13
C PRO A 387 3.87 -29.10 -16.34
N ARG A 388 2.76 -28.39 -16.51
CA ARG A 388 1.91 -28.62 -17.66
C ARG A 388 1.36 -27.31 -18.18
N LEU A 389 1.01 -27.30 -19.46
CA LEU A 389 0.36 -26.15 -20.07
C LEU A 389 -1.11 -26.12 -19.66
N CYS A 390 -1.64 -24.91 -19.51
CA CYS A 390 -3.07 -24.75 -19.30
C CYS A 390 -3.70 -24.34 -20.61
N THR A 391 -5.01 -24.50 -20.73
CA THR A 391 -5.66 -24.34 -22.02
C THR A 391 -6.73 -23.28 -22.01
N ARG A 392 -7.20 -22.93 -23.21
CA ARG A 392 -8.32 -22.03 -23.37
C ARG A 392 -9.52 -22.57 -22.62
N GLU A 393 -9.79 -23.86 -22.78
CA GLU A 393 -10.88 -24.53 -22.11
C GLU A 393 -10.78 -24.35 -20.59
N GLU A 394 -9.59 -24.54 -20.04
CA GLU A 394 -9.41 -24.39 -18.60
C GLU A 394 -9.59 -22.93 -18.18
N PHE A 395 -8.94 -22.02 -18.89
CA PHE A 395 -9.04 -20.60 -18.59
C PHE A 395 -10.49 -20.10 -18.67
N THR A 396 -11.22 -20.53 -19.68
CA THR A 396 -12.60 -20.11 -19.89
C THR A 396 -13.50 -20.55 -18.73
N LYS A 397 -13.36 -21.81 -18.33
CA LYS A 397 -14.13 -22.34 -17.21
C LYS A 397 -13.87 -21.55 -15.94
N LYS A 398 -12.61 -21.19 -15.72
CA LYS A 398 -12.24 -20.46 -14.52
C LYS A 398 -12.84 -19.07 -14.53
N VAL A 399 -13.04 -18.50 -15.71
CA VAL A 399 -13.65 -17.19 -15.80
C VAL A 399 -15.17 -17.29 -15.51
N ARG A 400 -15.85 -18.27 -16.10
CA ARG A 400 -17.30 -18.40 -15.97
C ARG A 400 -17.74 -18.71 -14.54
N THR A 401 -16.89 -19.41 -13.81
CA THR A 401 -16.96 -19.44 -12.36
C THR A 401 -16.19 -18.20 -11.88
N ASN A 402 -16.83 -17.04 -11.97
CA ASN A 402 -16.19 -15.73 -11.78
C ASN A 402 -15.38 -15.54 -10.49
N ALA A 403 -14.63 -16.56 -10.09
CA ALA A 403 -13.57 -16.35 -9.11
C ALA A 403 -12.25 -16.31 -9.84
N GLN A 414 -18.28 -5.12 -11.45
CA GLN A 414 -18.29 -6.56 -11.70
C GLN A 414 -17.58 -6.89 -13.01
N TRP A 415 -16.45 -7.60 -12.93
CA TRP A 415 -15.80 -8.05 -14.15
C TRP A 415 -16.69 -9.11 -14.79
N ASP A 416 -17.32 -8.70 -15.88
CA ASP A 416 -18.41 -9.44 -16.50
C ASP A 416 -18.14 -9.43 -18.00
N SER A 417 -17.37 -8.44 -18.43
CA SER A 417 -16.84 -8.42 -19.78
C SER A 417 -15.76 -9.50 -19.89
N ALA A 418 -15.38 -10.03 -18.73
CA ALA A 418 -14.46 -11.16 -18.66
C ALA A 418 -15.10 -12.42 -19.26
N LYS A 419 -16.35 -12.67 -18.91
CA LYS A 419 -17.08 -13.82 -19.43
C LYS A 419 -17.49 -13.62 -20.88
N ALA A 420 -17.66 -12.37 -21.28
CA ALA A 420 -18.00 -12.06 -22.65
C ALA A 420 -16.79 -12.29 -23.54
N ALA A 421 -15.63 -11.83 -23.08
CA ALA A 421 -14.41 -11.87 -23.88
C ALA A 421 -13.97 -13.28 -24.26
N VAL A 422 -13.95 -14.18 -23.29
CA VAL A 422 -13.49 -15.55 -23.53
C VAL A 422 -14.41 -16.29 -24.50
N GLU A 423 -15.67 -15.87 -24.57
CA GLU A 423 -16.63 -16.50 -25.47
C GLU A 423 -16.47 -15.93 -26.87
N ASP A 424 -15.87 -14.75 -26.96
CA ASP A 424 -15.58 -14.14 -28.24
C ASP A 424 -14.47 -14.90 -28.95
N GLU A 425 -14.78 -15.45 -30.12
CA GLU A 425 -13.78 -16.18 -30.90
C GLU A 425 -12.73 -15.21 -31.43
N GLU A 426 -13.11 -13.94 -31.55
CA GLU A 426 -12.21 -12.88 -31.99
C GLU A 426 -11.11 -12.63 -30.96
N PHE A 427 -11.46 -12.77 -29.69
CA PHE A 427 -10.52 -12.58 -28.59
C PHE A 427 -9.37 -13.57 -28.67
N TRP A 428 -9.70 -14.82 -28.97
CA TRP A 428 -8.72 -15.90 -29.01
C TRP A 428 -7.84 -15.83 -30.25
N LYS A 429 -8.33 -15.17 -31.30
CA LYS A 429 -7.52 -14.95 -32.48
C LYS A 429 -6.38 -13.99 -32.17
N LEU A 430 -6.65 -13.00 -31.33
CA LEU A 430 -5.62 -12.07 -30.87
C LEU A 430 -4.60 -12.79 -30.01
N VAL A 431 -5.10 -13.63 -29.11
CA VAL A 431 -4.25 -14.44 -28.24
C VAL A 431 -3.30 -15.30 -29.05
N ASP A 432 -3.83 -15.96 -30.08
CA ASP A 432 -3.01 -16.80 -30.95
C ASP A 432 -1.94 -15.98 -31.64
N ARG A 433 -2.34 -14.80 -32.12
CA ARG A 433 -1.42 -13.87 -32.77
C ARG A 433 -0.27 -13.50 -31.86
N GLU A 434 -0.58 -13.25 -30.58
CA GLU A 434 0.42 -12.84 -29.62
C GLU A 434 1.31 -14.01 -29.22
N ARG A 435 0.74 -15.22 -29.21
CA ARG A 435 1.51 -16.41 -28.84
C ARG A 435 2.58 -16.72 -29.87
N GLU A 436 2.28 -16.46 -31.14
CA GLU A 436 3.21 -16.72 -32.22
C GLU A 436 4.40 -15.75 -32.17
N LEU A 437 4.17 -14.57 -31.62
CA LEU A 437 5.24 -13.62 -31.37
C LEU A 437 6.17 -14.17 -30.29
N HIS A 438 5.58 -14.67 -29.21
CA HIS A 438 6.32 -15.20 -28.09
C HIS A 438 7.21 -16.36 -28.49
N LYS A 439 6.73 -17.17 -29.43
CA LYS A 439 7.52 -18.31 -29.91
C LYS A 439 8.76 -17.83 -30.67
N LEU A 440 8.68 -16.64 -31.25
CA LEU A 440 9.80 -16.08 -31.98
C LEU A 440 10.66 -15.21 -31.07
N GLY A 441 10.26 -15.15 -29.80
CA GLY A 441 10.99 -14.37 -28.82
C GLY A 441 10.66 -12.90 -28.89
N LYS A 442 9.42 -12.59 -29.28
CA LYS A 442 8.98 -11.21 -29.37
C LYS A 442 7.70 -11.01 -28.58
N CYS A 443 7.47 -9.78 -28.14
CA CYS A 443 6.25 -9.47 -27.41
C CYS A 443 5.63 -8.17 -27.92
N GLY A 444 4.35 -8.22 -28.25
CA GLY A 444 3.68 -7.09 -28.87
C GLY A 444 2.72 -6.33 -27.99
N SER A 445 1.98 -7.03 -27.13
CA SER A 445 0.91 -6.36 -26.41
C SER A 445 0.73 -6.85 -24.97
N CYS A 446 1.83 -7.10 -24.28
CA CYS A 446 1.75 -7.56 -22.90
C CYS A 446 2.13 -6.46 -21.91
N VAL A 447 1.13 -5.67 -21.55
CA VAL A 447 1.30 -4.52 -20.67
C VAL A 447 0.35 -4.65 -19.50
N TYR A 448 0.83 -4.38 -18.28
CA TYR A 448 -0.10 -4.39 -17.17
C TYR A 448 -0.23 -3.01 -16.54
N ASN A 449 -1.10 -2.90 -15.54
CA ASN A 449 -1.48 -1.60 -15.02
C ASN A 449 -1.24 -1.44 -13.53
N MET A 450 -1.44 -0.21 -13.07
CA MET A 450 -1.39 0.13 -11.66
C MET A 450 -2.51 1.10 -11.37
N MET A 451 -3.60 0.61 -10.78
CA MET A 451 -4.73 1.47 -10.44
C MET A 451 -5.57 0.89 -9.30
N ARG A 468 -10.78 -0.17 -30.31
CA ARG A 468 -10.36 0.62 -29.15
C ARG A 468 -10.25 -0.25 -27.91
N ALA A 469 -10.88 -1.42 -27.96
CA ALA A 469 -10.89 -2.35 -26.83
C ALA A 469 -9.49 -2.86 -26.51
N ILE A 470 -8.71 -2.02 -25.83
CA ILE A 470 -7.38 -2.42 -25.34
C ILE A 470 -7.55 -3.45 -24.22
N TRP A 471 -8.80 -3.65 -23.83
CA TRP A 471 -9.19 -4.64 -22.83
C TRP A 471 -8.79 -6.06 -23.24
N TYR A 472 -8.97 -6.39 -24.51
CA TYR A 472 -8.62 -7.71 -25.03
C TYR A 472 -7.13 -7.99 -24.90
N MET A 473 -6.31 -6.99 -25.20
CA MET A 473 -4.87 -7.10 -25.07
C MET A 473 -4.49 -7.48 -23.65
N TRP A 474 -5.28 -7.02 -22.69
CA TRP A 474 -4.96 -7.26 -21.28
C TRP A 474 -5.51 -8.59 -20.77
N LEU A 475 -6.68 -9.00 -21.24
CA LEU A 475 -7.18 -10.30 -20.82
C LEU A 475 -6.37 -11.38 -21.54
N GLY A 476 -5.87 -11.03 -22.71
CA GLY A 476 -5.05 -11.91 -23.50
C GLY A 476 -3.68 -12.14 -22.89
N VAL A 477 -3.08 -11.09 -22.33
CA VAL A 477 -1.77 -11.22 -21.73
C VAL A 477 -1.87 -12.06 -20.46
N ARG A 478 -2.96 -11.89 -19.72
CA ARG A 478 -3.19 -12.69 -18.52
C ARG A 478 -3.32 -14.16 -18.87
N TYR A 479 -4.04 -14.47 -19.94
CA TYR A 479 -4.22 -15.86 -20.35
C TYR A 479 -2.89 -16.54 -20.66
N LEU A 480 -2.04 -15.87 -21.42
CA LEU A 480 -0.77 -16.45 -21.83
C LEU A 480 0.12 -16.74 -20.62
N GLU A 481 0.03 -15.90 -19.60
CA GLU A 481 0.68 -16.17 -18.32
C GLU A 481 0.10 -17.45 -17.74
N PHE A 482 -1.23 -17.48 -17.67
CA PHE A 482 -1.96 -18.64 -17.16
C PHE A 482 -1.61 -19.89 -17.94
N GLU A 483 -1.51 -19.75 -19.26
CA GLU A 483 -1.19 -20.87 -20.13
C GLU A 483 0.15 -21.48 -19.77
N ALA A 484 1.14 -20.62 -19.52
CA ALA A 484 2.50 -21.08 -19.30
C ALA A 484 2.80 -21.36 -17.82
N LEU A 485 2.24 -20.57 -16.93
CA LEU A 485 2.60 -20.65 -15.51
C LEU A 485 1.42 -20.98 -14.59
N GLY A 486 0.24 -21.19 -15.18
CA GLY A 486 -0.95 -21.44 -14.39
C GLY A 486 -0.89 -22.73 -13.59
N PHE A 487 -0.09 -23.68 -14.05
CA PHE A 487 0.00 -24.99 -13.40
C PHE A 487 0.40 -24.89 -11.93
N LEU A 488 1.18 -23.87 -11.58
CA LEU A 488 1.64 -23.68 -10.22
C LEU A 488 0.49 -23.55 -9.22
N ASN A 489 -0.56 -22.85 -9.63
CA ASN A 489 -1.72 -22.67 -8.77
C ASN A 489 -2.74 -23.80 -8.97
N GLU A 490 -3.01 -24.12 -10.22
CA GLU A 490 -4.06 -25.08 -10.55
C GLU A 490 -3.69 -26.50 -10.12
N ASP A 491 -2.41 -26.83 -10.16
CA ASP A 491 -1.95 -28.16 -9.78
C ASP A 491 -1.42 -28.19 -8.35
N HIS A 492 -1.65 -27.11 -7.62
CA HIS A 492 -1.34 -27.02 -6.19
C HIS A 492 0.12 -27.34 -5.85
N TRP A 493 1.04 -26.73 -6.59
CA TRP A 493 2.47 -26.98 -6.37
C TRP A 493 2.94 -26.51 -4.99
N PHE A 494 2.21 -25.56 -4.40
CA PHE A 494 2.61 -25.05 -3.10
C PHE A 494 1.58 -25.38 -2.03
N SER A 495 0.92 -26.52 -2.22
CA SER A 495 0.16 -27.13 -1.14
C SER A 495 1.15 -27.69 -0.13
N ARG A 496 0.68 -27.96 1.09
CA ARG A 496 1.58 -28.43 2.13
C ARG A 496 2.15 -29.81 1.80
N GLU A 497 1.33 -30.64 1.16
CA GLU A 497 1.75 -32.00 0.79
C GLU A 497 2.92 -31.94 -0.20
N ASN A 498 2.88 -30.97 -1.11
CA ASN A 498 3.88 -30.91 -2.17
C ASN A 498 5.09 -30.05 -1.82
N SER A 499 4.92 -29.05 -0.96
CA SER A 499 5.99 -28.10 -0.69
C SER A 499 6.44 -28.03 0.78
N TYR A 500 5.82 -28.84 1.64
CA TYR A 500 6.11 -28.88 3.08
C TYR A 500 5.86 -27.54 3.79
N SER A 501 6.45 -26.47 3.27
CA SER A 501 6.30 -25.13 3.84
C SER A 501 4.98 -24.47 3.46
N GLY A 502 4.46 -24.84 2.28
CA GLY A 502 3.33 -24.17 1.69
C GLY A 502 2.02 -24.40 2.41
N VAL A 503 1.02 -23.58 2.10
CA VAL A 503 -0.30 -23.72 2.70
C VAL A 503 -1.40 -23.45 1.69
N GLU A 504 -1.13 -23.74 0.43
CA GLU A 504 -2.11 -23.49 -0.62
C GLU A 504 -3.28 -24.46 -0.50
N GLY A 505 -4.49 -23.92 -0.57
CA GLY A 505 -5.69 -24.73 -0.51
C GLY A 505 -6.04 -25.20 0.90
N GLU A 506 -5.58 -24.45 1.90
CA GLU A 506 -5.82 -24.82 3.28
C GLU A 506 -7.02 -24.07 3.87
N GLY A 507 -6.93 -22.75 3.91
CA GLY A 507 -8.03 -21.95 4.43
C GLY A 507 -7.82 -21.50 5.85
N LEU A 508 -8.45 -20.38 6.21
CA LEU A 508 -8.31 -19.77 7.53
C LEU A 508 -8.57 -20.73 8.68
N HIS A 509 -9.54 -21.62 8.49
CA HIS A 509 -9.93 -22.57 9.53
C HIS A 509 -8.88 -23.68 9.73
N LYS A 510 -7.95 -23.78 8.80
CA LYS A 510 -6.91 -24.81 8.88
C LYS A 510 -5.55 -24.23 9.25
N LEU A 511 -5.38 -22.93 9.03
CA LEU A 511 -4.08 -22.29 9.21
C LEU A 511 -3.58 -22.35 10.65
N GLY A 512 -4.48 -22.04 11.59
CA GLY A 512 -4.14 -22.06 13.00
C GLY A 512 -3.70 -23.43 13.48
N TYR A 513 -4.28 -24.47 12.90
CA TYR A 513 -3.90 -25.84 13.23
C TYR A 513 -2.48 -26.15 12.77
N ILE A 514 -2.12 -25.64 11.59
CA ILE A 514 -0.79 -25.85 11.03
C ILE A 514 0.26 -25.17 11.90
N LEU A 515 -0.07 -24.00 12.44
CA LEU A 515 0.83 -23.29 13.33
C LEU A 515 1.03 -24.06 14.63
N ARG A 516 -0.04 -24.69 15.11
CA ARG A 516 0.03 -25.46 16.35
C ARG A 516 0.86 -26.72 16.17
N ASP A 517 0.81 -27.31 14.98
CA ASP A 517 1.63 -28.48 14.69
C ASP A 517 3.11 -28.09 14.63
N ILE A 518 3.37 -26.91 14.06
CA ILE A 518 4.74 -26.40 13.93
C ILE A 518 5.35 -26.14 15.31
N SER A 519 4.53 -25.66 16.24
CA SER A 519 5.02 -25.31 17.56
C SER A 519 5.45 -26.54 18.36
N LYS A 520 4.96 -27.71 17.93
CA LYS A 520 5.31 -28.97 18.57
C LYS A 520 6.72 -29.41 18.18
N ILE A 521 7.24 -28.81 17.11
CA ILE A 521 8.60 -29.08 16.67
C ILE A 521 9.60 -28.39 17.60
N PRO A 522 10.50 -29.15 18.21
CA PRO A 522 11.49 -28.61 19.16
C PRO A 522 12.50 -27.69 18.51
N GLY A 523 12.87 -26.62 19.22
CA GLY A 523 13.85 -25.68 18.72
C GLY A 523 13.72 -24.30 19.34
N GLY A 524 13.89 -23.27 18.51
CA GLY A 524 13.79 -21.90 18.97
C GLY A 524 12.35 -21.40 18.97
N ALA A 525 12.18 -20.09 19.03
CA ALA A 525 10.86 -19.48 19.00
C ALA A 525 10.29 -19.50 17.59
N MET A 526 9.02 -19.15 17.46
CA MET A 526 8.40 -19.02 16.16
C MET A 526 8.52 -17.57 15.70
N TYR A 527 9.15 -17.38 14.54
CA TYR A 527 9.43 -16.05 14.03
C TYR A 527 8.56 -15.75 12.82
N ALA A 528 8.02 -14.54 12.78
CA ALA A 528 7.15 -14.11 11.70
C ALA A 528 7.47 -12.68 11.29
N ASP A 529 8.58 -12.51 10.59
CA ASP A 529 9.02 -11.19 10.15
C ASP A 529 8.44 -10.83 8.78
N ASP A 530 7.76 -9.69 8.71
CA ASP A 530 7.22 -9.20 7.45
C ASP A 530 8.26 -8.42 6.67
N THR A 531 8.38 -8.70 5.38
CA THR A 531 9.23 -7.94 4.50
C THR A 531 8.53 -6.63 4.16
N ALA A 532 9.29 -5.55 4.03
CA ALA A 532 8.71 -4.28 3.62
C ALA A 532 8.60 -4.20 2.10
N GLY A 533 7.37 -4.28 1.60
CA GLY A 533 7.13 -4.22 0.17
C GLY A 533 7.85 -5.33 -0.58
N TRP A 534 7.48 -6.57 -0.28
CA TRP A 534 8.12 -7.76 -0.84
C TRP A 534 8.32 -7.70 -2.35
N ASP A 535 7.24 -7.37 -3.06
CA ASP A 535 7.25 -7.41 -4.51
C ASP A 535 8.26 -6.43 -5.13
N THR A 536 8.52 -5.33 -4.44
CA THR A 536 9.52 -4.39 -4.91
C THR A 536 10.92 -4.88 -4.58
N ARG A 537 11.00 -5.84 -3.65
CA ARG A 537 12.29 -6.34 -3.20
C ARG A 537 12.73 -7.59 -3.96
N ILE A 538 11.92 -8.02 -4.92
CA ILE A 538 12.29 -9.12 -5.81
C ILE A 538 13.40 -8.66 -6.73
N THR A 539 14.50 -9.39 -6.75
CA THR A 539 15.68 -8.95 -7.49
C THR A 539 15.87 -9.67 -8.82
N GLU A 540 16.79 -9.15 -9.61
CA GLU A 540 17.26 -9.78 -10.84
C GLU A 540 17.59 -11.25 -10.61
N ASP A 541 18.22 -11.54 -9.48
CA ASP A 541 18.63 -12.90 -9.17
C ASP A 541 17.45 -13.76 -8.74
N ASP A 542 16.48 -13.15 -8.05
CA ASP A 542 15.25 -13.85 -7.70
C ASP A 542 14.53 -14.29 -8.97
N LEU A 543 14.40 -13.36 -9.92
CA LEU A 543 13.75 -13.64 -11.20
C LEU A 543 14.46 -14.74 -11.97
N HIS A 544 15.79 -14.76 -11.85
CA HIS A 544 16.59 -15.74 -12.56
C HIS A 544 16.51 -17.13 -11.92
N ASN A 545 16.16 -17.16 -10.63
CA ASN A 545 16.07 -18.42 -9.90
C ASN A 545 14.68 -19.04 -9.99
N GLU A 546 13.66 -18.21 -10.04
CA GLU A 546 12.29 -18.68 -10.22
C GLU A 546 12.13 -19.22 -11.63
N GLU A 547 12.93 -18.70 -12.55
CA GLU A 547 12.88 -19.07 -13.95
C GLU A 547 13.29 -20.53 -14.18
N LYS A 548 14.07 -21.08 -13.25
CA LYS A 548 14.65 -22.41 -13.40
C LYS A 548 13.63 -23.54 -13.52
N ILE A 549 12.38 -23.27 -13.15
CA ILE A 549 11.32 -24.26 -13.24
C ILE A 549 11.12 -24.74 -14.69
N ILE A 550 11.50 -23.91 -15.64
CA ILE A 550 11.31 -24.25 -17.05
C ILE A 550 12.18 -25.42 -17.50
N GLN A 551 13.19 -25.76 -16.71
CA GLN A 551 14.09 -26.86 -17.03
C GLN A 551 13.39 -28.21 -16.95
N GLN A 552 12.24 -28.25 -16.27
CA GLN A 552 11.48 -29.47 -16.13
C GLN A 552 10.36 -29.58 -17.15
N MET A 553 10.28 -28.58 -18.03
CA MET A 553 9.14 -28.49 -18.95
C MET A 553 9.39 -29.16 -20.28
N ASP A 554 8.29 -29.60 -20.91
CA ASP A 554 8.34 -30.05 -22.30
C ASP A 554 8.76 -28.87 -23.15
N PRO A 555 9.45 -29.13 -24.27
CA PRO A 555 10.00 -28.07 -25.15
C PRO A 555 8.99 -26.99 -25.54
N GLU A 556 7.86 -27.38 -26.11
CA GLU A 556 6.84 -26.43 -26.53
C GLU A 556 6.31 -25.62 -25.36
N HIS A 557 6.33 -26.21 -24.16
CA HIS A 557 5.91 -25.50 -22.96
C HIS A 557 7.02 -24.56 -22.48
N ARG A 558 8.26 -25.03 -22.50
CA ARG A 558 9.40 -24.22 -22.10
C ARG A 558 9.49 -22.95 -22.94
N GLN A 559 9.28 -23.12 -24.24
CA GLN A 559 9.25 -22.02 -25.18
C GLN A 559 8.33 -20.90 -24.71
N LEU A 560 7.10 -21.26 -24.37
CA LEU A 560 6.11 -20.26 -23.95
C LEU A 560 6.44 -19.69 -22.57
N ALA A 561 6.91 -20.54 -21.67
CA ALA A 561 7.26 -20.10 -20.33
C ALA A 561 8.47 -19.17 -20.35
N ASN A 562 9.46 -19.53 -21.15
CA ASN A 562 10.65 -18.71 -21.32
C ASN A 562 10.31 -17.33 -21.87
N ALA A 563 9.27 -17.29 -22.71
CA ALA A 563 8.78 -16.03 -23.26
C ALA A 563 8.16 -15.17 -22.18
N ILE A 564 7.35 -15.80 -21.32
CA ILE A 564 6.73 -15.10 -20.20
C ILE A 564 7.78 -14.53 -19.25
N PHE A 565 8.71 -15.37 -18.83
CA PHE A 565 9.76 -14.95 -17.89
C PHE A 565 10.63 -13.83 -18.45
N LYS A 566 11.23 -14.08 -19.61
CA LYS A 566 12.18 -13.14 -20.20
C LYS A 566 11.53 -11.83 -20.67
N LEU A 567 10.39 -11.93 -21.34
CA LEU A 567 9.81 -10.77 -22.03
C LEU A 567 8.84 -9.94 -21.20
N THR A 568 8.14 -10.56 -20.25
CA THR A 568 7.11 -9.83 -19.52
C THR A 568 7.29 -9.81 -18.01
N TYR A 569 8.12 -10.71 -17.48
CA TYR A 569 8.37 -10.72 -16.04
C TYR A 569 9.71 -10.05 -15.72
N GLN A 570 10.65 -10.15 -16.66
CA GLN A 570 11.97 -9.55 -16.47
C GLN A 570 12.13 -8.31 -17.34
N ASN A 571 11.06 -7.94 -18.03
CA ASN A 571 10.97 -6.70 -18.78
C ASN A 571 9.54 -6.19 -18.76
N LYS A 572 9.18 -5.51 -17.69
CA LYS A 572 7.80 -5.06 -17.50
C LYS A 572 7.52 -3.71 -18.15
N VAL A 573 6.42 -3.63 -18.89
CA VAL A 573 5.93 -2.36 -19.41
C VAL A 573 4.64 -2.04 -18.67
N VAL A 574 4.58 -0.85 -18.07
CA VAL A 574 3.47 -0.52 -17.18
C VAL A 574 2.79 0.81 -17.54
N LYS A 575 1.45 0.79 -17.53
CA LYS A 575 0.66 2.01 -17.60
C LYS A 575 0.36 2.51 -16.19
N VAL A 576 0.66 3.78 -15.93
CA VAL A 576 0.34 4.35 -14.62
C VAL A 576 -0.11 5.80 -14.78
N GLN A 577 -1.16 6.17 -14.06
CA GLN A 577 -1.71 7.52 -14.16
C GLN A 577 -0.89 8.54 -13.39
N ARG A 578 -0.94 9.77 -13.87
CA ARG A 578 -0.22 10.88 -13.24
C ARG A 578 -0.97 12.19 -13.41
N PRO A 579 -1.33 12.84 -12.29
CA PRO A 579 -1.98 14.14 -12.35
C PRO A 579 -1.00 15.25 -12.74
N THR A 580 -1.39 16.08 -13.68
CA THR A 580 -0.57 17.21 -14.12
C THR A 580 -1.41 18.47 -14.01
N PRO A 581 -0.76 19.66 -14.00
CA PRO A 581 -1.56 20.88 -13.84
C PRO A 581 -2.48 21.18 -15.04
N THR A 582 -2.36 20.40 -16.11
CA THR A 582 -3.21 20.58 -17.28
C THR A 582 -3.90 19.28 -17.68
N GLY A 583 -4.27 18.47 -16.68
CA GLY A 583 -5.00 17.24 -16.94
C GLY A 583 -4.31 16.00 -16.40
N THR A 584 -4.94 14.85 -16.60
CA THR A 584 -4.35 13.59 -16.19
C THR A 584 -3.76 12.89 -17.40
N VAL A 585 -2.55 12.35 -17.23
CA VAL A 585 -1.89 11.63 -18.31
C VAL A 585 -1.59 10.20 -17.88
N MET A 586 -1.47 9.32 -18.86
CA MET A 586 -1.07 7.94 -18.60
C MET A 586 0.39 7.77 -18.96
N ASP A 587 1.22 7.47 -17.97
CA ASP A 587 2.65 7.27 -18.22
C ASP A 587 2.96 5.84 -18.59
N ILE A 588 3.84 5.68 -19.57
CA ILE A 588 4.34 4.37 -19.93
C ILE A 588 5.76 4.25 -19.39
N ILE A 589 5.95 3.35 -18.43
CA ILE A 589 7.25 3.15 -17.80
C ILE A 589 7.64 1.68 -17.86
N SER A 590 8.91 1.39 -17.60
CA SER A 590 9.40 0.02 -17.63
C SER A 590 10.36 -0.28 -16.50
N ARG A 591 10.50 -1.57 -16.18
CA ARG A 591 11.37 -2.03 -15.10
C ARG A 591 11.79 -3.47 -15.33
N LYS A 592 13.08 -3.75 -15.17
CA LYS A 592 13.60 -5.11 -15.37
C LYS A 592 13.27 -6.02 -14.19
N ASP A 593 13.63 -5.60 -12.97
CA ASP A 593 13.35 -6.45 -11.82
C ASP A 593 12.02 -6.09 -11.14
N GLN A 594 11.94 -6.38 -9.85
CA GLN A 594 10.68 -6.32 -9.09
C GLN A 594 9.66 -7.34 -9.59
N ARG A 595 8.54 -7.44 -8.89
CA ARG A 595 7.48 -8.33 -9.30
C ARG A 595 6.26 -7.55 -9.76
N GLY A 596 5.76 -7.89 -10.94
CA GLY A 596 4.46 -7.41 -11.37
C GLY A 596 3.45 -8.03 -10.45
N SER A 597 2.80 -7.21 -9.63
CA SER A 597 1.88 -7.71 -8.61
C SER A 597 0.57 -8.21 -9.20
N GLY A 598 0.23 -7.73 -10.39
CA GLY A 598 -0.99 -8.16 -11.06
C GLY A 598 -0.78 -9.31 -12.03
N GLN A 599 0.14 -10.22 -11.69
CA GLN A 599 0.51 -11.30 -12.60
C GLN A 599 0.03 -12.67 -12.12
N VAL A 600 -0.03 -13.62 -13.05
CA VAL A 600 -0.42 -14.98 -12.72
C VAL A 600 0.75 -15.72 -12.05
N GLY A 601 0.48 -16.34 -10.91
CA GLY A 601 1.51 -17.07 -10.21
C GLY A 601 2.44 -16.14 -9.44
N THR A 602 1.99 -14.91 -9.23
CA THR A 602 2.68 -14.01 -8.33
C THR A 602 2.76 -14.65 -6.95
N TYR A 603 1.64 -15.26 -6.53
CA TYR A 603 1.57 -15.95 -5.26
C TYR A 603 2.57 -17.10 -5.16
N GLY A 604 2.55 -17.96 -6.16
CA GLY A 604 3.43 -19.11 -6.20
C GLY A 604 4.90 -18.73 -6.21
N LEU A 605 5.27 -17.81 -7.09
CA LEU A 605 6.65 -17.36 -7.19
C LEU A 605 7.09 -16.64 -5.93
N ASN A 606 6.17 -15.89 -5.31
CA ASN A 606 6.46 -15.27 -4.03
C ASN A 606 6.73 -16.33 -2.98
N THR A 607 5.87 -17.35 -2.94
CA THR A 607 6.00 -18.44 -1.98
C THR A 607 7.33 -19.16 -2.17
N PHE A 608 7.68 -19.43 -3.43
CA PHE A 608 8.92 -20.13 -3.76
C PHE A 608 10.14 -19.37 -3.25
N THR A 609 10.27 -18.11 -3.66
CA THR A 609 11.44 -17.31 -3.28
C THR A 609 11.49 -17.10 -1.77
N ASN A 610 10.33 -16.91 -1.15
CA ASN A 610 10.26 -16.76 0.30
C ASN A 610 10.69 -18.05 1.01
N MET A 611 10.24 -19.19 0.52
CA MET A 611 10.70 -20.48 1.03
C MET A 611 12.22 -20.58 0.97
N GLU A 612 12.77 -20.26 -0.19
CA GLU A 612 14.21 -20.25 -0.42
C GLU A 612 14.92 -19.26 0.50
N ALA A 613 14.36 -18.07 0.62
CA ALA A 613 14.95 -17.02 1.44
C ALA A 613 15.03 -17.44 2.90
N GLN A 614 14.00 -18.14 3.38
CA GLN A 614 13.94 -18.53 4.78
C GLN A 614 14.83 -19.74 5.06
N LEU A 615 15.03 -20.58 4.05
CA LEU A 615 16.00 -21.66 4.17
C LEU A 615 17.40 -21.05 4.24
N VAL A 616 17.64 -20.05 3.40
CA VAL A 616 18.91 -19.33 3.40
C VAL A 616 19.19 -18.75 4.78
N ARG A 617 18.17 -18.15 5.39
CA ARG A 617 18.34 -17.53 6.69
C ARG A 617 18.56 -18.59 7.77
N GLN A 618 17.96 -19.77 7.59
CA GLN A 618 18.15 -20.84 8.56
C GLN A 618 19.57 -21.37 8.52
N MET A 619 20.20 -21.35 7.33
CA MET A 619 21.58 -21.79 7.20
C MET A 619 22.52 -20.86 7.97
N GLU A 620 22.30 -19.55 7.82
CA GLU A 620 23.12 -18.56 8.51
C GLU A 620 22.93 -18.67 10.03
N GLY A 621 21.70 -18.94 10.44
CA GLY A 621 21.38 -19.09 11.84
C GLY A 621 22.07 -20.30 12.44
N GLU A 622 22.21 -21.35 11.64
CA GLU A 622 22.83 -22.58 12.10
C GLU A 622 24.35 -22.58 11.92
N GLY A 623 24.88 -21.48 11.41
CA GLY A 623 26.32 -21.35 11.22
C GLY A 623 26.84 -21.96 9.94
N VAL A 624 25.97 -22.59 9.17
CA VAL A 624 26.35 -23.20 7.91
C VAL A 624 26.79 -22.14 6.90
N LEU A 625 26.21 -20.95 7.02
CA LEU A 625 26.47 -19.86 6.09
C LEU A 625 26.98 -18.63 6.83
N THR A 626 28.20 -18.20 6.52
CA THR A 626 28.84 -17.13 7.26
C THR A 626 29.06 -15.85 6.44
N LYS A 627 29.37 -14.77 7.12
CA LYS A 627 29.68 -13.49 6.49
C LYS A 627 30.77 -13.66 5.43
N ALA A 628 31.76 -14.48 5.73
CA ALA A 628 32.83 -14.78 4.79
C ALA A 628 32.29 -15.47 3.54
N ASP A 629 31.23 -16.25 3.70
CA ASP A 629 30.64 -16.98 2.57
C ASP A 629 29.88 -16.07 1.62
N LEU A 630 29.15 -15.11 2.16
CA LEU A 630 28.39 -14.17 1.34
C LEU A 630 29.32 -13.29 0.51
N GLU A 631 30.48 -12.97 1.06
CA GLU A 631 31.41 -12.09 0.37
C GLU A 631 32.35 -12.83 -0.58
N ASN A 632 32.59 -14.09 -0.26
CA ASN A 632 33.49 -14.95 -1.02
C ASN A 632 32.96 -15.25 -2.41
N PRO A 633 33.69 -14.76 -3.43
CA PRO A 633 33.32 -14.78 -4.86
C PRO A 633 33.07 -16.19 -5.42
N HIS A 634 33.82 -17.16 -4.94
CA HIS A 634 33.65 -18.55 -5.37
C HIS A 634 33.24 -19.44 -4.19
N LEU A 635 31.96 -19.43 -3.83
CA LEU A 635 31.59 -20.19 -2.65
C LEU A 635 31.48 -21.68 -3.02
N LEU A 636 32.21 -22.49 -2.27
CA LEU A 636 32.22 -23.92 -2.44
C LEU A 636 30.82 -24.44 -2.19
N GLU A 637 30.32 -25.22 -3.14
CA GLU A 637 28.92 -25.63 -3.18
C GLU A 637 28.64 -26.84 -2.30
N LYS A 638 29.67 -27.66 -2.11
CA LYS A 638 29.57 -28.94 -1.42
C LYS A 638 28.91 -28.84 -0.03
N LYS A 639 29.14 -27.72 0.65
CA LYS A 639 28.63 -27.53 2.00
C LYS A 639 27.12 -27.29 2.02
N ILE A 640 26.62 -26.49 1.09
CA ILE A 640 25.21 -26.12 1.04
C ILE A 640 24.38 -27.27 0.51
N THR A 641 24.93 -27.98 -0.48
CA THR A 641 24.29 -29.16 -1.02
C THR A 641 24.05 -30.21 0.07
N GLN A 642 25.04 -30.39 0.92
CA GLN A 642 24.95 -31.37 1.99
C GLN A 642 23.88 -31.01 3.00
N TRP A 643 23.83 -29.74 3.40
CA TRP A 643 22.82 -29.27 4.33
C TRP A 643 21.42 -29.50 3.77
N LEU A 644 21.22 -29.06 2.53
CA LEU A 644 19.94 -29.22 1.85
C LEU A 644 19.53 -30.68 1.70
N GLU A 645 20.48 -31.52 1.31
CA GLU A 645 20.18 -32.93 1.05
C GLU A 645 19.96 -33.74 2.32
N THR A 646 20.44 -33.22 3.46
CA THR A 646 20.28 -33.94 4.72
C THR A 646 19.21 -33.33 5.63
N LYS A 647 19.01 -32.02 5.52
CA LYS A 647 18.15 -31.32 6.48
C LYS A 647 17.05 -30.47 5.84
N GLY A 648 17.23 -30.14 4.57
CA GLY A 648 16.33 -29.25 3.86
C GLY A 648 14.84 -29.47 4.06
N VAL A 649 14.38 -30.70 3.84
CA VAL A 649 12.96 -31.02 3.99
C VAL A 649 12.49 -30.83 5.42
N GLU A 650 13.29 -31.26 6.39
CA GLU A 650 12.97 -31.09 7.79
C GLU A 650 12.82 -29.60 8.11
N ARG A 651 13.71 -28.81 7.53
CA ARG A 651 13.68 -27.36 7.75
C ARG A 651 12.48 -26.71 7.07
N LEU A 652 12.04 -27.29 5.96
CA LEU A 652 10.88 -26.78 5.25
C LEU A 652 9.62 -27.00 6.09
N LYS A 653 9.61 -28.11 6.84
CA LYS A 653 8.48 -28.44 7.67
C LYS A 653 8.41 -27.54 8.90
N ARG A 654 9.50 -26.81 9.16
CA ARG A 654 9.56 -25.88 10.28
C ARG A 654 8.91 -24.54 9.92
N MET A 655 8.33 -24.48 8.73
CA MET A 655 7.84 -23.21 8.19
C MET A 655 6.43 -23.28 7.65
N ALA A 656 5.78 -22.12 7.65
CA ALA A 656 4.51 -21.92 6.96
C ALA A 656 4.66 -20.69 6.08
N ILE A 657 4.75 -20.91 4.77
CA ILE A 657 5.00 -19.82 3.84
C ILE A 657 3.80 -19.57 2.92
N SER A 658 3.16 -18.42 3.09
CA SER A 658 2.05 -18.05 2.24
C SER A 658 2.41 -16.78 1.46
N GLY A 659 2.92 -16.97 0.25
CA GLY A 659 3.36 -15.85 -0.55
C GLY A 659 4.52 -15.15 0.12
N ASP A 660 4.31 -13.90 0.50
CA ASP A 660 5.36 -13.12 1.16
C ASP A 660 5.23 -13.20 2.68
N ASP A 661 4.30 -14.00 3.16
CA ASP A 661 4.06 -14.12 4.59
C ASP A 661 4.60 -15.45 5.11
N CYS A 662 5.43 -15.37 6.15
CA CYS A 662 6.12 -16.56 6.64
C CYS A 662 6.01 -16.72 8.15
N VAL A 663 6.11 -17.97 8.60
CA VAL A 663 6.29 -18.30 10.00
C VAL A 663 7.39 -19.34 10.08
N VAL A 664 8.44 -19.06 10.83
CA VAL A 664 9.59 -19.96 10.90
C VAL A 664 9.94 -20.34 12.34
N LYS A 665 10.04 -21.63 12.59
CA LYS A 665 10.49 -22.12 13.89
C LYS A 665 11.78 -22.90 13.72
N PRO A 666 12.92 -22.18 13.80
CA PRO A 666 14.26 -22.74 13.59
C PRO A 666 14.70 -23.65 14.74
N ILE A 667 15.84 -24.30 14.59
CA ILE A 667 16.30 -25.30 15.56
C ILE A 667 16.82 -24.67 16.86
N ASP A 668 17.17 -23.39 16.81
CA ASP A 668 17.47 -22.61 18.01
C ASP A 668 17.19 -21.15 17.70
N ASP A 669 17.64 -20.24 18.57
CA ASP A 669 17.26 -18.84 18.43
C ASP A 669 18.36 -17.97 17.84
N ARG A 670 19.44 -18.58 17.37
CA ARG A 670 20.49 -17.82 16.69
C ARG A 670 19.91 -17.13 15.47
N PHE A 671 18.89 -17.77 14.88
CA PHE A 671 18.11 -17.27 13.77
C PHE A 671 17.70 -15.80 13.93
N ALA A 672 17.33 -15.43 15.15
CA ALA A 672 16.90 -14.07 15.44
C ALA A 672 18.01 -13.07 15.16
N ASN A 673 19.26 -13.52 15.29
CA ASN A 673 20.42 -12.69 15.04
C ASN A 673 20.95 -12.85 13.62
N ALA A 674 20.47 -13.87 12.92
CA ALA A 674 20.93 -14.16 11.56
C ALA A 674 20.29 -13.19 10.56
N LEU A 675 21.01 -12.13 10.23
CA LEU A 675 20.44 -11.04 9.45
C LEU A 675 21.22 -10.70 8.18
N LEU A 676 22.45 -11.16 8.08
CA LEU A 676 23.32 -10.80 6.97
C LEU A 676 22.73 -11.17 5.61
N ALA A 677 22.38 -12.44 5.44
CA ALA A 677 21.89 -12.93 4.16
C ALA A 677 20.52 -12.35 3.82
N LEU A 678 19.65 -12.28 4.81
CA LEU A 678 18.30 -11.78 4.62
C LEU A 678 18.29 -10.36 4.07
N ASN A 679 19.06 -9.48 4.71
CA ASN A 679 19.16 -8.10 4.26
C ASN A 679 19.86 -8.01 2.92
N ASP A 680 20.94 -8.77 2.74
CA ASP A 680 21.69 -8.75 1.50
C ASP A 680 20.85 -9.24 0.32
N MET A 681 19.89 -10.11 0.60
CA MET A 681 18.99 -10.60 -0.44
C MET A 681 17.95 -9.55 -0.81
N GLY A 682 17.94 -8.44 -0.08
CA GLY A 682 17.03 -7.34 -0.35
C GLY A 682 15.73 -7.46 0.44
N LYS A 683 15.62 -8.55 1.20
CA LYS A 683 14.38 -8.82 1.93
C LYS A 683 14.37 -8.16 3.30
N VAL A 684 14.51 -6.84 3.31
CA VAL A 684 14.54 -6.05 4.53
C VAL A 684 13.22 -6.13 5.29
N ARG A 685 13.31 -6.32 6.60
CA ARG A 685 12.13 -6.46 7.44
C ARG A 685 11.41 -5.12 7.62
N LYS A 686 10.11 -5.20 7.91
CA LYS A 686 9.27 -4.03 8.10
C LYS A 686 9.27 -3.55 9.55
N ASP A 687 9.26 -2.24 9.74
CA ASP A 687 9.10 -1.62 11.06
C ASP A 687 10.09 -2.12 12.12
N ILE A 688 11.36 -2.26 11.70
CA ILE A 688 12.41 -2.65 12.62
C ILE A 688 13.73 -2.21 12.01
N PRO A 689 14.65 -1.69 12.84
CA PRO A 689 15.97 -1.31 12.32
C PRO A 689 16.65 -2.48 11.63
N GLN A 690 17.41 -2.18 10.58
CA GLN A 690 17.94 -3.20 9.68
C GLN A 690 18.77 -4.27 10.39
N TRP A 691 19.41 -3.91 11.49
CA TRP A 691 20.34 -4.83 12.16
C TRP A 691 19.93 -5.22 13.57
N GLN A 692 18.73 -4.83 13.98
CA GLN A 692 18.21 -5.26 15.26
C GLN A 692 17.69 -6.68 15.17
N PRO A 693 18.07 -7.53 16.13
CA PRO A 693 17.60 -8.92 16.17
C PRO A 693 16.08 -9.05 16.13
N SER A 694 15.59 -10.08 15.45
CA SER A 694 14.16 -10.36 15.40
C SER A 694 13.63 -10.81 16.75
N LYS A 695 12.35 -10.54 17.00
CA LYS A 695 11.69 -11.01 18.20
C LYS A 695 10.58 -11.99 17.83
N GLY A 696 10.61 -13.17 18.43
CA GLY A 696 9.65 -14.21 18.11
C GLY A 696 8.76 -14.57 19.28
N TRP A 697 7.80 -15.46 19.02
CA TRP A 697 6.87 -15.93 20.04
C TRP A 697 7.11 -17.39 20.37
N HIS A 698 6.73 -17.80 21.58
CA HIS A 698 6.72 -19.22 21.91
C HIS A 698 5.28 -19.68 22.10
N ASP A 699 4.37 -18.72 22.25
CA ASP A 699 2.94 -19.00 22.24
C ASP A 699 2.41 -18.84 20.82
N TRP A 700 2.15 -19.97 20.16
CA TRP A 700 1.75 -19.97 18.75
C TRP A 700 0.45 -19.22 18.51
N GLN A 701 -0.35 -19.08 19.56
CA GLN A 701 -1.63 -18.37 19.45
C GLN A 701 -1.43 -16.87 19.30
N GLN A 702 -0.19 -16.41 19.46
CA GLN A 702 0.12 -14.99 19.32
C GLN A 702 0.91 -14.71 18.04
N VAL A 703 1.16 -15.75 17.26
CA VAL A 703 1.89 -15.58 16.01
C VAL A 703 0.98 -15.03 14.91
N PRO A 704 1.37 -13.90 14.31
CA PRO A 704 0.62 -13.33 13.19
C PRO A 704 0.93 -14.06 11.87
N PHE A 705 -0.11 -14.36 11.11
CA PHE A 705 0.04 -15.07 9.85
C PHE A 705 -1.21 -14.87 8.99
N CYS A 706 -1.00 -14.43 7.75
CA CYS A 706 -2.10 -14.11 6.84
C CYS A 706 -3.11 -13.19 7.52
N SER A 707 -2.60 -12.11 8.10
CA SER A 707 -3.43 -11.06 8.74
C SER A 707 -4.23 -11.57 9.93
N HIS A 708 -3.86 -12.70 10.49
CA HIS A 708 -4.60 -13.25 11.63
C HIS A 708 -3.70 -13.81 12.72
N HIS A 709 -4.30 -14.01 13.88
CA HIS A 709 -3.73 -14.89 14.90
C HIS A 709 -4.79 -15.96 15.18
N PHE A 710 -4.46 -16.97 15.97
CA PHE A 710 -5.33 -18.13 16.09
C PHE A 710 -5.47 -18.64 17.54
N HIS A 711 -6.69 -18.54 18.07
CA HIS A 711 -6.95 -18.99 19.43
C HIS A 711 -7.38 -20.45 19.49
N GLU A 712 -6.99 -21.11 20.58
CA GLU A 712 -7.44 -22.47 20.84
C GLU A 712 -8.63 -22.41 21.79
N LEU A 713 -9.76 -22.96 21.36
CA LEU A 713 -10.98 -22.92 22.16
C LEU A 713 -11.34 -24.30 22.67
N ILE A 714 -11.86 -24.36 23.88
CA ILE A 714 -12.39 -25.61 24.40
C ILE A 714 -13.90 -25.55 24.46
N MET A 715 -14.55 -26.35 23.61
CA MET A 715 -16.00 -26.52 23.69
C MET A 715 -16.33 -27.17 25.04
N LYS A 716 -17.56 -27.00 25.50
CA LYS A 716 -17.96 -27.59 26.78
C LYS A 716 -18.11 -29.10 26.61
N ASP A 717 -17.99 -29.56 25.37
CA ASP A 717 -17.76 -30.97 25.09
C ASP A 717 -16.43 -31.38 25.68
N GLY A 718 -15.41 -30.57 25.40
CA GLY A 718 -14.07 -30.84 25.85
C GLY A 718 -13.11 -30.88 24.67
N ARG A 719 -13.67 -31.04 23.48
CA ARG A 719 -12.88 -31.03 22.25
C ARG A 719 -12.36 -29.63 21.97
N LYS A 720 -11.29 -29.54 21.19
CA LYS A 720 -10.66 -28.25 20.93
C LYS A 720 -10.84 -27.76 19.50
N LEU A 721 -11.08 -26.47 19.36
CA LEU A 721 -11.10 -25.79 18.07
C LEU A 721 -9.97 -24.79 18.00
N VAL A 722 -9.43 -24.59 16.79
CA VAL A 722 -8.45 -23.53 16.58
C VAL A 722 -9.03 -22.53 15.59
N VAL A 723 -9.45 -21.39 16.11
CA VAL A 723 -10.18 -20.39 15.32
C VAL A 723 -9.28 -19.26 14.84
N PRO A 724 -9.61 -18.70 13.67
CA PRO A 724 -8.89 -17.50 13.22
C PRO A 724 -9.42 -16.26 13.91
N CYS A 725 -8.56 -15.29 14.18
CA CYS A 725 -8.98 -14.08 14.86
C CYS A 725 -8.09 -12.90 14.47
N ARG A 726 -8.59 -11.69 14.71
CA ARG A 726 -7.87 -10.47 14.41
C ARG A 726 -8.53 -9.30 15.13
N PRO A 727 -7.88 -8.12 15.15
CA PRO A 727 -8.55 -6.94 15.74
C PRO A 727 -9.95 -6.76 15.20
N GLN A 728 -10.95 -6.75 16.09
CA GLN A 728 -12.36 -6.73 15.69
C GLN A 728 -12.71 -5.53 14.83
N ASP A 729 -12.03 -4.41 15.07
CA ASP A 729 -12.34 -3.17 14.39
C ASP A 729 -12.07 -3.23 12.88
N GLU A 730 -11.01 -3.93 12.48
CA GLU A 730 -10.70 -4.05 11.05
C GLU A 730 -11.53 -5.16 10.40
N LEU A 731 -12.25 -5.91 11.22
CA LEU A 731 -13.24 -6.87 10.72
C LEU A 731 -14.54 -6.14 10.45
N ILE A 732 -14.87 -5.21 11.34
CA ILE A 732 -16.08 -4.41 11.23
C ILE A 732 -15.90 -3.29 10.20
N GLY A 733 -14.70 -2.71 10.18
CA GLY A 733 -14.39 -1.65 9.23
C GLY A 733 -14.58 -2.07 7.78
N ARG A 734 -14.13 -3.27 7.45
CA ARG A 734 -14.23 -3.78 6.09
C ARG A 734 -15.68 -4.03 5.67
N ALA A 735 -16.51 -4.41 6.64
CA ALA A 735 -17.90 -4.77 6.36
C ALA A 735 -18.80 -3.57 6.22
N ARG A 736 -18.29 -2.39 6.54
CA ARG A 736 -19.03 -1.15 6.36
C ARG A 736 -18.66 -0.51 5.02
N ILE A 737 -18.25 -1.36 4.07
CA ILE A 737 -17.78 -0.91 2.77
C ILE A 737 -18.41 -1.71 1.63
N SER A 738 -18.94 -1.02 0.63
CA SER A 738 -19.54 -1.66 -0.54
C SER A 738 -18.51 -1.91 -1.64
N GLN A 739 -18.93 -2.60 -2.70
CA GLN A 739 -18.07 -2.85 -3.84
C GLN A 739 -18.83 -3.20 -5.13
N GLY A 740 -19.58 -2.26 -5.68
CA GLY A 740 -19.76 -0.93 -5.13
C GLY A 740 -21.05 -0.33 -5.66
N ALA A 741 -22.17 -0.60 -4.97
CA ALA A 741 -23.49 -0.24 -5.46
C ALA A 741 -23.87 1.21 -5.13
N GLY A 742 -23.90 2.06 -6.15
CA GLY A 742 -24.22 3.46 -5.96
C GLY A 742 -25.43 3.93 -6.75
N TRP A 743 -26.60 3.91 -6.11
CA TRP A 743 -26.73 3.43 -4.74
C TRP A 743 -27.84 2.39 -4.65
N SER A 744 -27.46 1.12 -4.63
CA SER A 744 -28.42 0.02 -4.66
C SER A 744 -28.58 -0.66 -3.29
N ILE A 745 -29.76 -0.53 -2.71
CA ILE A 745 -30.06 -1.14 -1.42
C ILE A 745 -30.22 -2.64 -1.53
N ARG A 746 -30.96 -3.08 -2.55
CA ARG A 746 -31.22 -4.50 -2.74
C ARG A 746 -30.00 -5.25 -3.27
N GLU A 747 -28.82 -4.67 -3.05
CA GLU A 747 -27.56 -5.29 -3.42
C GLU A 747 -26.50 -4.99 -2.37
N THR A 748 -26.66 -3.87 -1.67
CA THR A 748 -25.75 -3.51 -0.59
C THR A 748 -25.99 -4.40 0.63
N ALA A 749 -27.20 -4.94 0.73
CA ALA A 749 -27.55 -5.84 1.82
C ALA A 749 -26.94 -7.21 1.59
N CYS A 750 -26.92 -7.62 0.33
CA CYS A 750 -26.40 -8.93 -0.05
C CYS A 750 -24.90 -9.02 0.18
N LEU A 751 -24.22 -7.88 0.19
CA LEU A 751 -22.81 -7.85 0.54
C LEU A 751 -22.67 -7.96 2.05
N GLY A 752 -23.58 -7.32 2.78
CA GLY A 752 -23.58 -7.37 4.23
C GLY A 752 -23.88 -8.76 4.75
N LYS A 753 -24.83 -9.44 4.13
CA LYS A 753 -25.19 -10.79 4.53
C LYS A 753 -24.06 -11.77 4.22
N ALA A 754 -23.18 -11.39 3.30
CA ALA A 754 -22.00 -12.19 3.00
C ALA A 754 -21.00 -12.09 4.14
N TYR A 755 -20.71 -10.86 4.56
CA TYR A 755 -19.88 -10.62 5.73
C TYR A 755 -20.47 -11.28 6.95
N ALA A 756 -21.79 -11.14 7.11
CA ALA A 756 -22.50 -11.66 8.28
C ALA A 756 -22.37 -13.18 8.39
N GLN A 757 -22.28 -13.86 7.26
CA GLN A 757 -22.16 -15.32 7.26
C GLN A 757 -20.71 -15.74 7.33
N MET A 758 -19.79 -14.89 6.89
CA MET A 758 -18.37 -15.12 7.10
C MET A 758 -18.06 -15.03 8.59
N TRP A 759 -18.57 -13.98 9.22
CA TRP A 759 -18.45 -13.77 10.65
C TRP A 759 -19.00 -14.96 11.42
N SER A 760 -20.02 -15.60 10.85
CA SER A 760 -20.66 -16.73 11.50
C SER A 760 -19.82 -17.99 11.41
N LEU A 761 -19.19 -18.19 10.25
CA LEU A 761 -18.41 -19.40 10.03
C LEU A 761 -17.00 -19.26 10.60
N MET A 762 -16.44 -18.06 10.52
CA MET A 762 -15.03 -17.86 10.85
C MET A 762 -14.78 -17.11 12.16
N TYR A 763 -15.73 -16.26 12.57
CA TYR A 763 -15.51 -15.42 13.74
C TYR A 763 -16.66 -15.51 14.75
N PHE A 764 -17.24 -16.70 14.82
CA PHE A 764 -18.34 -16.99 15.73
C PHE A 764 -17.97 -16.77 17.20
N HIS A 765 -16.67 -16.85 17.49
CA HIS A 765 -16.14 -16.75 18.83
C HIS A 765 -16.13 -15.32 19.37
N ARG A 766 -16.32 -14.36 18.48
CA ARG A 766 -16.42 -12.96 18.88
C ARG A 766 -17.87 -12.64 19.22
N ARG A 767 -18.08 -12.07 20.41
CA ARG A 767 -19.43 -11.83 20.92
C ARG A 767 -20.20 -10.78 20.12
N ASP A 768 -19.51 -9.70 19.78
CA ASP A 768 -20.14 -8.61 19.05
C ASP A 768 -20.47 -9.04 17.63
N LEU A 769 -19.50 -9.72 16.99
CA LEU A 769 -19.65 -10.13 15.61
C LEU A 769 -20.77 -11.16 15.44
N ARG A 770 -20.81 -12.15 16.31
CA ARG A 770 -21.84 -13.18 16.21
C ARG A 770 -23.21 -12.57 16.46
N LEU A 771 -23.27 -11.60 17.37
CA LEU A 771 -24.50 -10.90 17.67
C LEU A 771 -24.91 -10.02 16.50
N ALA A 772 -23.93 -9.29 15.95
CA ALA A 772 -24.15 -8.48 14.77
C ALA A 772 -24.55 -9.35 13.58
N SER A 773 -23.97 -10.55 13.52
CA SER A 773 -24.32 -11.51 12.49
C SER A 773 -25.79 -11.88 12.56
N ASN A 774 -26.29 -12.04 13.78
CA ASN A 774 -27.70 -12.36 13.99
C ASN A 774 -28.58 -11.15 13.78
N ALA A 775 -27.98 -9.97 13.78
CA ALA A 775 -28.72 -8.73 13.59
C ALA A 775 -28.82 -8.38 12.11
N ILE A 776 -27.88 -8.86 11.32
CA ILE A 776 -27.90 -8.64 9.87
C ILE A 776 -28.81 -9.65 9.19
N CYS A 777 -28.62 -10.93 9.51
CA CYS A 777 -29.34 -12.01 8.86
C CYS A 777 -30.84 -11.98 9.15
N SER A 778 -31.22 -11.38 10.27
CA SER A 778 -32.62 -11.24 10.63
C SER A 778 -33.21 -9.97 10.01
N ALA A 779 -32.33 -9.14 9.46
CA ALA A 779 -32.73 -7.88 8.87
C ALA A 779 -32.75 -7.95 7.35
N VAL A 780 -32.22 -9.05 6.82
CA VAL A 780 -32.13 -9.26 5.38
C VAL A 780 -32.94 -10.48 4.97
N PRO A 781 -33.73 -10.37 3.88
CA PRO A 781 -34.57 -11.44 3.34
C PRO A 781 -33.90 -12.82 3.32
N VAL A 782 -34.68 -13.86 3.57
CA VAL A 782 -34.15 -15.20 3.83
C VAL A 782 -33.43 -15.83 2.63
N HIS A 783 -34.08 -15.82 1.47
CA HIS A 783 -33.48 -16.39 0.27
C HIS A 783 -33.02 -15.33 -0.73
N TRP A 784 -32.63 -14.17 -0.22
CA TRP A 784 -31.93 -13.20 -1.06
C TRP A 784 -30.49 -13.66 -1.24
N VAL A 785 -30.11 -13.84 -2.50
CA VAL A 785 -28.79 -14.31 -2.87
C VAL A 785 -27.68 -13.43 -2.28
N PRO A 786 -26.69 -14.07 -1.62
CA PRO A 786 -25.51 -13.33 -1.18
C PRO A 786 -24.42 -13.30 -2.26
N THR A 787 -24.07 -12.12 -2.73
CA THR A 787 -23.01 -11.96 -3.73
C THR A 787 -21.93 -10.94 -3.37
N SER A 788 -21.10 -10.66 -4.38
CA SER A 788 -19.91 -9.81 -4.28
C SER A 788 -18.87 -10.43 -3.36
N ARG A 789 -17.60 -10.20 -3.70
CA ARG A 789 -16.51 -10.77 -2.92
C ARG A 789 -16.41 -10.15 -1.54
N THR A 790 -16.45 -11.00 -0.51
CA THR A 790 -16.23 -10.56 0.85
C THR A 790 -14.78 -10.10 0.99
N THR A 791 -13.88 -11.08 0.95
CA THR A 791 -12.45 -10.81 0.78
C THR A 791 -11.97 -11.71 -0.35
N TRP A 792 -11.08 -11.20 -1.20
CA TRP A 792 -10.56 -11.97 -2.31
C TRP A 792 -9.27 -12.70 -1.91
N SER A 793 -9.18 -13.08 -0.65
CA SER A 793 -7.98 -13.74 -0.12
C SER A 793 -7.92 -15.21 -0.59
N ILE A 794 -6.70 -15.67 -0.86
CA ILE A 794 -6.46 -17.01 -1.41
C ILE A 794 -6.96 -18.10 -0.46
N HIS A 795 -6.97 -17.80 0.84
CA HIS A 795 -7.39 -18.78 1.84
C HIS A 795 -8.87 -18.63 2.23
N ALA A 796 -9.56 -17.72 1.56
CA ALA A 796 -11.00 -17.56 1.75
C ALA A 796 -11.76 -18.46 0.79
N HIS A 797 -12.14 -19.64 1.26
CA HIS A 797 -12.83 -20.61 0.41
C HIS A 797 -14.30 -20.26 0.20
N HIS A 798 -14.75 -19.17 0.83
CA HIS A 798 -16.08 -18.60 0.63
C HIS A 798 -17.23 -19.59 0.80
N GLN A 799 -17.08 -20.59 1.67
CA GLN A 799 -18.11 -21.62 1.80
C GLN A 799 -19.27 -21.16 2.69
N TRP A 800 -19.47 -19.85 2.76
CA TRP A 800 -20.54 -19.25 3.57
C TRP A 800 -21.56 -18.51 2.68
N MET A 801 -21.72 -18.98 1.45
CA MET A 801 -22.55 -18.28 0.47
C MET A 801 -23.93 -18.90 0.34
N THR A 802 -23.97 -20.22 0.26
CA THR A 802 -25.21 -20.98 0.26
C THR A 802 -26.19 -20.48 1.34
N THR A 803 -27.46 -20.32 0.98
CA THR A 803 -28.49 -19.86 1.93
C THR A 803 -28.96 -21.04 2.76
N GLU A 804 -27.98 -21.72 3.34
CA GLU A 804 -28.19 -22.92 4.13
C GLU A 804 -28.18 -22.55 5.60
N ASP A 805 -28.69 -23.44 6.45
CA ASP A 805 -28.64 -23.22 7.89
C ASP A 805 -27.19 -23.15 8.35
N MET A 806 -26.83 -22.07 9.01
CA MET A 806 -25.44 -21.79 9.34
C MET A 806 -24.81 -22.84 10.26
N LEU A 807 -25.61 -23.40 11.16
CA LEU A 807 -25.09 -24.39 12.10
C LEU A 807 -24.65 -25.66 11.38
N THR A 808 -25.38 -26.05 10.33
CA THR A 808 -25.04 -27.24 9.56
C THR A 808 -23.78 -27.01 8.72
N VAL A 809 -23.65 -25.81 8.19
CA VAL A 809 -22.46 -25.45 7.43
C VAL A 809 -21.25 -25.37 8.36
N TRP A 810 -21.46 -24.75 9.52
CA TRP A 810 -20.46 -24.69 10.57
C TRP A 810 -20.01 -26.08 10.96
N ASN A 811 -20.99 -26.97 11.14
CA ASN A 811 -20.71 -28.33 11.55
C ASN A 811 -19.89 -29.10 10.53
N ARG A 812 -20.11 -28.81 9.25
CA ARG A 812 -19.34 -29.52 8.24
C ARG A 812 -17.89 -29.04 8.23
N VAL A 813 -17.68 -27.73 8.39
CA VAL A 813 -16.34 -27.16 8.41
C VAL A 813 -15.55 -27.52 9.68
N TRP A 814 -16.13 -27.28 10.84
CA TRP A 814 -15.40 -27.39 12.08
C TRP A 814 -15.47 -28.77 12.72
N ILE A 815 -16.34 -29.64 12.22
CA ILE A 815 -16.44 -30.97 12.80
C ILE A 815 -16.07 -32.08 11.83
N GLU A 816 -16.94 -32.42 10.89
CA GLU A 816 -16.71 -33.64 10.12
C GLU A 816 -15.63 -33.51 9.04
N GLU A 817 -15.48 -32.35 8.43
CA GLU A 817 -14.42 -32.18 7.43
C GLU A 817 -13.10 -31.75 8.06
N ASN A 818 -13.10 -31.54 9.37
CA ASN A 818 -11.91 -31.08 10.08
C ASN A 818 -11.00 -32.25 10.48
N PRO A 819 -9.80 -32.32 9.87
CA PRO A 819 -8.84 -33.39 10.11
C PRO A 819 -8.31 -33.42 11.54
N TRP A 820 -8.37 -32.28 12.23
CA TRP A 820 -7.86 -32.18 13.59
C TRP A 820 -8.98 -32.27 14.62
N MET A 821 -10.09 -32.86 14.21
CA MET A 821 -11.22 -33.13 15.09
C MET A 821 -11.57 -34.60 15.03
N GLU A 822 -11.04 -35.38 15.96
CA GLU A 822 -11.18 -36.82 15.87
C GLU A 822 -12.61 -37.28 16.12
N ASP A 823 -13.17 -36.88 17.25
CA ASP A 823 -14.58 -37.16 17.53
C ASP A 823 -15.47 -36.31 16.65
N LYS A 824 -16.26 -36.98 15.81
CA LYS A 824 -17.12 -36.29 14.86
C LYS A 824 -18.53 -36.08 15.39
N THR A 825 -18.66 -35.98 16.71
CA THR A 825 -19.95 -35.66 17.33
C THR A 825 -20.42 -34.28 16.90
N PRO A 826 -21.59 -34.21 16.25
CA PRO A 826 -22.11 -32.92 15.75
C PRO A 826 -22.57 -31.99 16.86
N VAL A 827 -22.80 -30.74 16.49
CA VAL A 827 -23.28 -29.73 17.43
C VAL A 827 -24.74 -29.37 17.11
N THR A 828 -25.60 -29.45 18.13
CA THR A 828 -27.03 -29.27 17.91
C THR A 828 -27.53 -27.85 18.18
N THR A 829 -26.78 -27.07 18.98
CA THR A 829 -27.18 -25.69 19.27
C THR A 829 -26.02 -24.71 19.17
N TRP A 830 -26.34 -23.43 19.06
CA TRP A 830 -25.32 -22.40 18.93
C TRP A 830 -24.66 -22.06 20.26
N GLU A 831 -25.17 -22.65 21.33
CA GLU A 831 -24.59 -22.43 22.64
C GLU A 831 -23.60 -23.55 22.98
N ASN A 832 -23.45 -24.49 22.05
CA ASN A 832 -22.37 -25.47 22.14
C ASN A 832 -21.21 -25.01 21.26
N VAL A 833 -21.38 -23.83 20.67
CA VAL A 833 -20.31 -23.17 19.92
C VAL A 833 -19.75 -22.06 20.80
N PRO A 834 -18.47 -22.18 21.19
CA PRO A 834 -17.92 -21.34 22.24
C PRO A 834 -17.57 -19.92 21.79
N TYR A 835 -17.31 -19.06 22.76
CA TYR A 835 -16.74 -17.75 22.52
C TYR A 835 -15.30 -17.72 22.97
N LEU A 836 -14.61 -16.62 22.70
CA LEU A 836 -13.36 -16.34 23.38
C LEU A 836 -13.71 -15.96 24.81
N GLY A 837 -12.79 -16.15 25.73
CA GLY A 837 -13.00 -15.67 27.09
C GLY A 837 -13.17 -14.16 27.04
N LYS A 838 -14.01 -13.63 27.92
CA LYS A 838 -14.29 -12.19 27.94
C LYS A 838 -12.99 -11.36 27.96
N ARG A 839 -12.01 -11.82 28.72
CA ARG A 839 -10.73 -11.13 28.80
C ARG A 839 -10.01 -11.09 27.45
N GLU A 840 -9.96 -12.24 26.79
CA GLU A 840 -9.26 -12.34 25.50
C GLU A 840 -10.09 -11.74 24.36
N ASP A 841 -11.41 -11.83 24.48
CA ASP A 841 -12.31 -11.23 23.51
C ASP A 841 -12.11 -9.72 23.52
N GLN A 842 -12.04 -9.15 24.71
CA GLN A 842 -11.81 -7.72 24.90
C GLN A 842 -10.45 -7.28 24.34
N TRP A 843 -9.42 -8.09 24.60
CA TRP A 843 -8.07 -7.76 24.16
C TRP A 843 -8.01 -7.64 22.63
N CYS A 844 -8.84 -8.41 21.95
CA CYS A 844 -8.87 -8.38 20.49
C CYS A 844 -9.87 -7.35 19.96
N GLY A 845 -10.21 -6.38 20.81
CA GLY A 845 -10.96 -5.22 20.37
C GLY A 845 -12.45 -5.24 20.62
N SER A 846 -12.94 -6.26 21.33
CA SER A 846 -14.38 -6.35 21.61
C SER A 846 -14.84 -5.21 22.49
N LEU A 847 -16.08 -4.78 22.28
CA LEU A 847 -16.64 -3.64 23.00
C LEU A 847 -17.54 -4.10 24.15
N ILE A 848 -17.55 -5.40 24.42
CA ILE A 848 -18.30 -5.93 25.57
C ILE A 848 -17.77 -5.29 26.85
N GLY A 849 -18.67 -4.98 27.77
CA GLY A 849 -18.28 -4.31 28.99
C GLY A 849 -18.66 -2.83 28.93
N LEU A 850 -18.25 -2.18 27.84
CA LEU A 850 -18.71 -0.83 27.56
C LEU A 850 -20.24 -0.83 27.50
N THR A 851 -20.86 0.14 28.17
CA THR A 851 -22.31 0.17 28.34
C THR A 851 -22.98 0.59 27.04
N SER A 852 -22.25 1.29 26.17
CA SER A 852 -22.77 1.66 24.87
C SER A 852 -23.01 0.41 24.04
N ARG A 853 -22.23 -0.62 24.30
CA ARG A 853 -22.44 -1.94 23.71
C ARG A 853 -23.73 -2.54 24.24
N ALA A 854 -23.98 -2.33 25.53
CA ALA A 854 -25.20 -2.86 26.17
C ALA A 854 -26.44 -2.20 25.59
N THR A 855 -26.40 -0.88 25.44
CA THR A 855 -27.51 -0.15 24.85
C THR A 855 -27.70 -0.55 23.39
N TRP A 856 -26.59 -0.81 22.73
CA TRP A 856 -26.61 -1.33 21.36
C TRP A 856 -27.23 -2.72 21.32
N ALA A 857 -26.93 -3.53 22.35
CA ALA A 857 -27.38 -4.91 22.42
C ALA A 857 -28.90 -5.01 22.54
N GLN A 858 -29.50 -4.04 23.20
CA GLN A 858 -30.94 -4.04 23.41
C GLN A 858 -31.68 -3.12 22.43
N ASN A 859 -30.93 -2.50 21.53
CA ASN A 859 -31.50 -1.62 20.52
C ASN A 859 -31.43 -2.20 19.11
N ILE A 860 -30.71 -3.29 18.94
CA ILE A 860 -30.64 -3.94 17.63
C ILE A 860 -31.97 -4.52 17.14
N PRO A 861 -32.92 -4.86 18.05
CA PRO A 861 -34.22 -5.20 17.46
C PRO A 861 -34.83 -4.06 16.66
N THR A 862 -34.72 -2.83 17.18
CA THR A 862 -35.23 -1.66 16.46
C THR A 862 -34.41 -1.43 15.21
N ALA A 863 -33.08 -1.48 15.34
CA ALA A 863 -32.18 -1.27 14.21
C ALA A 863 -32.46 -2.29 13.11
N ILE A 864 -32.85 -3.49 13.51
CA ILE A 864 -33.27 -4.50 12.56
C ILE A 864 -34.58 -4.10 11.91
N GLN A 865 -35.56 -3.72 12.74
CA GLN A 865 -36.83 -3.22 12.25
C GLN A 865 -36.65 -1.99 11.35
N GLN A 866 -35.56 -1.27 11.54
CA GLN A 866 -35.27 -0.07 10.76
C GLN A 866 -34.93 -0.40 9.31
N VAL A 867 -33.95 -1.28 9.10
CA VAL A 867 -33.54 -1.64 7.74
C VAL A 867 -34.55 -2.50 7.01
N ARG A 868 -35.29 -3.34 7.74
CA ARG A 868 -36.35 -4.13 7.13
C ARG A 868 -37.39 -3.16 6.57
N SER A 869 -37.63 -2.07 7.29
CA SER A 869 -38.51 -1.02 6.80
C SER A 869 -37.81 -0.22 5.70
N LEU A 870 -36.49 -0.13 5.77
CA LEU A 870 -35.71 0.57 4.78
C LEU A 870 -35.62 -0.25 3.48
N ILE A 871 -35.66 -1.56 3.61
CA ILE A 871 -35.69 -2.44 2.44
C ILE A 871 -37.10 -2.44 1.83
N GLY A 872 -38.03 -3.08 2.54
CA GLY A 872 -39.39 -3.21 2.08
C GLY A 872 -40.14 -4.30 2.81
N ASN A 873 -41.13 -4.89 2.16
CA ASN A 873 -41.95 -5.92 2.81
C ASN A 873 -41.72 -7.27 2.17
N GLU A 874 -40.71 -7.99 2.69
CA GLU A 874 -40.31 -9.27 2.14
C GLU A 874 -40.04 -10.32 3.24
N GLU A 875 -39.60 -11.50 2.82
CA GLU A 875 -39.41 -12.65 3.70
C GLU A 875 -38.32 -12.49 4.77
N PHE A 876 -38.73 -12.19 6.00
CA PHE A 876 -37.80 -12.16 7.12
C PHE A 876 -38.06 -13.28 8.12
N LEU A 877 -37.03 -13.75 8.79
CA LEU A 877 -37.20 -14.64 9.94
C LEU A 877 -36.05 -14.43 10.92
N ASP A 878 -36.40 -14.35 12.21
CA ASP A 878 -35.54 -13.75 13.24
C ASP A 878 -34.36 -14.58 13.77
N TYR A 879 -33.21 -13.93 13.84
CA TYR A 879 -32.00 -14.50 14.43
C TYR A 879 -31.68 -13.78 15.74
N MET A 880 -32.52 -12.82 16.09
CA MET A 880 -32.38 -11.96 17.28
C MET A 880 -31.76 -12.63 18.50
#